data_6N4O
#
_entry.id   6N4O
#
_cell.length_a   66.132
_cell.length_b   66.328
_cell.length_c   247.677
_cell.angle_alpha   90.00
_cell.angle_beta   90.00
_cell.angle_gamma   90.00
#
_symmetry.space_group_name_H-M   'P 21 21 21'
#
loop_
_entity.id
_entity.type
_entity.pdbx_description
1 polymer 'Protein argonaute-2'
2 polymer "RNA (5'-R(P*UP*GP*GP*AP*GP*UP*GP*UP*GP*AP*CP*AP*AP*UP*GP*GP*UP*GP*UP*UP*U)-3')"
3 polymer "RNA (5'-R(*CP*CP*AP*UP*UP*GP*UP*CP*AP*CP*AP*CP*UP*CP*CP*AP*AP*A)-3')"
#
loop_
_entity_poly.entity_id
_entity_poly.type
_entity_poly.pdbx_seq_one_letter_code
_entity_poly.pdbx_strand_id
1 'polypeptide(L)'
;MYSGAGPALAPPAPPPPIQGYAFKPPPRPDFGTSGRTIKLQANFFEMDIPKIDIYHYELDIKPEKCPRRVNREIVEHMVQ
HFKTQIFGDRKPVFDGRKNLYTAMPLPIGRDKVELEVTLPGEGKDRIFKVSIKWVSCVSLQALHDALSGRLPSVPFETIQ
ALDVVMRHLPSMRYTPVGRSFFTASEGCSNPLGGGREVWFGFHQSVRPSLWKMMLNIDVSATAFYKAQPVIEFVCEVLDF
KSIEEQQKPLTDSQRVKFTKEIKGLKVEITHCGQMKRKYRVCNVTRRPASHQTFPLQQESGQTVECTVAQYFKDRHKLVL
RYPHLPCLQVGQEQKHTYLPLEVCNIVAGQRCIKKLTDNQTSTMIRATARSAPDRQEEISKLMRSADFNTDPYVREFGIM
VKDEMTDVTGRVLQPPSILYGGRNKAIATPVQGVWDMRNKQFHTGIEIKVWAIACFAPQRQCTEVHLKSFTEQLRKISRD
AGMPIQGQPCFCKYAQGADSVEPMFRHLKNTYAGLQLVVVILPGKTPVYAEVKRVGDTVLGMATQCVQMKNVQRTTPQTL
SNLCLKINVKLGGVNNILLPQGRPPVFQQPVIFLGADVTHPPAGDGKKPSIAAVVGSMDAHPNRYCATVRVQQHRQEIIQ
DLAAMVRELLIQFYKSTRFKPTRIIFYRAGVSEGQFQQVLHHELLAIREACIKLEKDYQPGITFIVVQKRHHTRLFCTDK
NERVGKSGNIPAGTTVDTKITHPTEFDFYLCSHAGIQGTSRPSHYHVLWDDNRFSSDELQILTYQLCHTYVRCTRSVSIP
APAYYAHLVAFRARYHLVDKEHDAAEGDHTDGQANGRDHQALAKAVQVHQDTLRTMYFA
;
A
2 'polyribonucleotide' UGGAGUGUGACAAUGGUGUUU C
3 'polyribonucleotide' CCAUUGUCACACUCCAAA D
#
# COMPACT_ATOMS: atom_id res chain seq x y z
N ALA A 22 2.01 -22.71 -20.34
CA ALA A 22 2.72 -21.79 -19.45
C ALA A 22 1.82 -20.64 -19.01
N PHE A 23 0.53 -20.91 -18.85
CA PHE A 23 -0.40 -19.87 -18.42
C PHE A 23 -1.53 -20.44 -17.57
N LYS A 24 -1.26 -21.55 -16.89
CA LYS A 24 -2.26 -22.17 -16.03
C LYS A 24 -1.64 -22.58 -14.71
N PRO A 25 -1.96 -21.84 -13.64
CA PRO A 25 -1.40 -22.08 -12.30
C PRO A 25 -1.70 -23.49 -11.77
N PRO A 26 -0.75 -24.07 -11.04
CA PRO A 26 -0.94 -25.42 -10.50
C PRO A 26 -2.01 -25.45 -9.41
N PRO A 27 -2.77 -26.54 -9.32
CA PRO A 27 -3.79 -26.68 -8.28
C PRO A 27 -3.16 -26.91 -6.93
N ARG A 28 -3.95 -26.79 -5.86
CA ARG A 28 -3.45 -27.03 -4.51
C ARG A 28 -2.99 -28.48 -4.37
N PRO A 29 -1.68 -28.66 -4.12
CA PRO A 29 -1.07 -30.00 -4.02
C PRO A 29 -1.62 -30.76 -2.81
N ASP A 30 -1.68 -30.07 -1.68
CA ASP A 30 -2.20 -30.65 -0.45
C ASP A 30 -2.45 -29.54 0.56
N PHE A 31 -2.90 -29.90 1.75
CA PHE A 31 -3.03 -28.94 2.83
C PHE A 31 -1.88 -29.10 3.82
N GLY A 32 -1.68 -28.09 4.66
CA GLY A 32 -0.59 -28.11 5.61
C GLY A 32 -0.95 -28.74 6.93
N THR A 33 0.04 -29.30 7.62
CA THR A 33 -0.15 -29.95 8.91
C THR A 33 0.84 -29.47 9.97
N SER A 34 1.99 -28.98 9.51
CA SER A 34 3.04 -28.53 10.42
C SER A 34 2.58 -27.37 11.29
N GLY A 35 3.03 -27.35 12.54
CA GLY A 35 2.77 -26.24 13.43
C GLY A 35 1.67 -26.50 14.44
N ARG A 36 1.48 -25.53 15.33
CA ARG A 36 0.52 -25.64 16.42
C ARG A 36 -0.84 -25.05 16.04
N THR A 37 -1.91 -25.76 16.39
CA THR A 37 -3.27 -25.36 16.02
C THR A 37 -3.74 -24.14 16.79
N ILE A 38 -4.26 -23.16 16.07
CA ILE A 38 -4.85 -21.98 16.68
C ILE A 38 -6.22 -21.67 16.06
N LYS A 39 -7.19 -21.39 16.91
CA LYS A 39 -8.55 -21.12 16.48
C LYS A 39 -8.74 -19.65 16.15
N LEU A 40 -9.04 -19.35 14.88
CA LEU A 40 -9.10 -17.98 14.41
C LEU A 40 -10.49 -17.56 13.93
N GLN A 41 -10.63 -16.28 13.63
CA GLN A 41 -11.82 -15.74 12.99
C GLN A 41 -11.42 -14.74 11.91
N ALA A 42 -11.66 -15.11 10.66
CA ALA A 42 -11.39 -14.22 9.53
C ALA A 42 -12.59 -13.32 9.27
N ASN A 43 -12.34 -12.05 9.00
CA ASN A 43 -13.42 -11.10 8.72
C ASN A 43 -14.10 -11.37 7.38
N PHE A 44 -14.45 -12.63 7.15
CA PHE A 44 -15.24 -13.04 6.00
C PHE A 44 -16.60 -13.52 6.48
N PHE A 45 -17.63 -13.30 5.66
CA PHE A 45 -18.98 -13.69 6.05
C PHE A 45 -19.64 -14.52 4.96
N GLU A 46 -20.16 -15.68 5.36
CA GLU A 46 -20.65 -16.69 4.42
C GLU A 46 -21.82 -16.17 3.58
N MET A 47 -21.72 -16.37 2.27
CA MET A 47 -22.74 -15.92 1.34
C MET A 47 -23.40 -17.09 0.62
N ASP A 48 -24.73 -17.14 0.69
CA ASP A 48 -25.51 -18.14 -0.04
C ASP A 48 -26.10 -17.50 -1.29
N ILE A 49 -25.64 -17.95 -2.45
CA ILE A 49 -26.10 -17.38 -3.72
C ILE A 49 -26.75 -18.45 -4.59
N PRO A 50 -27.74 -18.06 -5.40
CA PRO A 50 -28.42 -19.00 -6.31
C PRO A 50 -27.59 -19.28 -7.56
N LYS A 51 -28.08 -20.17 -8.41
CA LYS A 51 -27.39 -20.51 -9.64
C LYS A 51 -28.05 -19.83 -10.82
N ILE A 52 -28.75 -18.73 -10.54
CA ILE A 52 -29.55 -18.04 -11.55
C ILE A 52 -28.67 -17.30 -12.55
N ASP A 53 -29.25 -16.96 -13.70
CA ASP A 53 -28.56 -16.15 -14.71
C ASP A 53 -28.83 -14.67 -14.48
N ILE A 54 -27.77 -13.89 -14.35
CA ILE A 54 -27.88 -12.46 -14.13
C ILE A 54 -27.76 -11.70 -15.45
N TYR A 55 -28.75 -10.85 -15.73
CA TYR A 55 -28.79 -10.14 -17.00
C TYR A 55 -28.13 -8.78 -16.90
N HIS A 56 -27.21 -8.52 -17.83
CA HIS A 56 -26.37 -7.33 -17.80
C HIS A 56 -26.75 -6.32 -18.88
N TYR A 57 -27.09 -5.11 -18.45
CA TYR A 57 -27.45 -4.03 -19.36
C TYR A 57 -26.46 -2.87 -19.26
N GLU A 58 -26.27 -2.16 -20.36
CA GLU A 58 -25.39 -0.99 -20.38
C GLU A 58 -26.22 0.30 -20.37
N LEU A 59 -25.76 1.28 -19.61
CA LEU A 59 -26.48 2.54 -19.47
C LEU A 59 -25.68 3.73 -20.00
N ASP A 60 -26.40 4.81 -20.33
CA ASP A 60 -25.77 6.06 -20.73
C ASP A 60 -26.75 7.22 -20.50
N ILE A 61 -26.36 8.14 -19.64
CA ILE A 61 -27.20 9.29 -19.30
C ILE A 61 -26.84 10.47 -20.20
N LYS A 62 -27.77 11.42 -20.34
CA LYS A 62 -27.63 12.53 -21.27
C LYS A 62 -26.39 13.40 -20.99
N PRO A 63 -26.19 13.84 -19.72
CA PRO A 63 -24.89 14.46 -19.48
C PRO A 63 -23.83 13.40 -19.21
N GLU A 64 -22.91 13.23 -20.16
CA GLU A 64 -21.90 12.17 -20.07
C GLU A 64 -21.02 12.32 -18.83
N LYS A 65 -20.86 13.56 -18.37
CA LYS A 65 -20.13 13.81 -17.14
C LYS A 65 -21.10 14.19 -16.01
N CYS A 66 -21.21 13.31 -15.02
CA CYS A 66 -22.14 13.52 -13.92
C CYS A 66 -21.62 12.82 -12.66
N PRO A 67 -21.85 13.44 -11.49
CA PRO A 67 -21.48 12.78 -10.22
C PRO A 67 -22.20 11.45 -10.07
N ARG A 68 -21.50 10.45 -9.56
CA ARG A 68 -22.01 9.08 -9.54
C ARG A 68 -23.18 8.90 -8.57
N ARG A 69 -23.47 9.92 -7.77
CA ARG A 69 -24.60 9.86 -6.84
C ARG A 69 -25.90 10.21 -7.56
N VAL A 70 -25.90 11.34 -8.26
CA VAL A 70 -27.08 11.79 -8.98
C VAL A 70 -27.42 10.82 -10.10
N ASN A 71 -26.43 10.05 -10.55
CA ASN A 71 -26.68 8.99 -11.51
C ASN A 71 -27.57 7.92 -10.88
N ARG A 72 -27.25 7.56 -9.64
CA ARG A 72 -28.03 6.58 -8.90
C ARG A 72 -29.44 7.11 -8.62
N GLU A 73 -29.52 8.39 -8.27
CA GLU A 73 -30.81 9.03 -8.05
C GLU A 73 -31.67 8.99 -9.30
N ILE A 74 -31.05 9.30 -10.43
CA ILE A 74 -31.71 9.25 -11.74
C ILE A 74 -32.19 7.84 -12.06
N VAL A 75 -31.34 6.86 -11.82
CA VAL A 75 -31.65 5.47 -12.10
C VAL A 75 -32.84 4.99 -11.26
N GLU A 76 -32.83 5.30 -9.97
CA GLU A 76 -33.93 4.88 -9.10
C GLU A 76 -35.23 5.60 -9.44
N HIS A 77 -35.13 6.89 -9.76
CA HIS A 77 -36.29 7.64 -10.22
C HIS A 77 -36.88 7.00 -11.47
N MET A 78 -35.99 6.59 -12.36
CA MET A 78 -36.36 5.90 -13.60
C MET A 78 -37.10 4.59 -13.33
N VAL A 79 -36.51 3.76 -12.48
CA VAL A 79 -37.10 2.48 -12.12
C VAL A 79 -38.48 2.67 -11.50
N GLN A 80 -38.62 3.74 -10.71
CA GLN A 80 -39.89 4.01 -10.04
C GLN A 80 -40.94 4.56 -11.00
N HIS A 81 -40.50 5.32 -11.99
CA HIS A 81 -41.45 5.98 -12.91
C HIS A 81 -41.73 5.16 -14.18
N PHE A 82 -41.16 3.96 -14.26
CA PHE A 82 -41.46 3.06 -15.35
C PHE A 82 -41.81 1.67 -14.82
N LYS A 83 -42.84 1.62 -13.98
CA LYS A 83 -43.25 0.40 -13.31
C LYS A 83 -44.28 -0.39 -14.11
N THR A 84 -44.99 0.31 -15.00
CA THR A 84 -46.06 -0.33 -15.76
C THR A 84 -45.58 -0.79 -17.14
N GLN A 85 -44.45 -0.23 -17.59
CA GLN A 85 -43.95 -0.54 -18.93
C GLN A 85 -42.75 -1.48 -18.92
N ILE A 86 -41.83 -1.29 -17.99
CA ILE A 86 -40.57 -2.04 -17.98
C ILE A 86 -40.32 -2.75 -16.64
N PHE A 87 -40.10 -1.95 -15.60
CA PHE A 87 -39.81 -2.49 -14.28
C PHE A 87 -41.09 -2.93 -13.58
N GLY A 88 -41.05 -3.06 -12.26
CA GLY A 88 -42.21 -3.48 -11.50
C GLY A 88 -41.83 -3.96 -10.12
N ASP A 89 -42.13 -5.22 -9.84
CA ASP A 89 -41.65 -5.84 -8.61
C ASP A 89 -40.13 -5.95 -8.67
N ARG A 90 -39.60 -6.00 -9.88
CA ARG A 90 -38.17 -6.16 -10.12
C ARG A 90 -37.37 -4.91 -9.72
N LYS A 91 -36.19 -5.13 -9.18
CA LYS A 91 -35.29 -4.05 -8.80
C LYS A 91 -33.89 -4.31 -9.33
N PRO A 92 -33.42 -3.48 -10.27
CA PRO A 92 -32.10 -3.65 -10.86
C PRO A 92 -31.02 -2.91 -10.08
N VAL A 93 -29.89 -3.56 -9.85
CA VAL A 93 -28.77 -2.91 -9.18
C VAL A 93 -27.94 -2.13 -10.21
N PHE A 94 -27.36 -1.02 -9.77
CA PHE A 94 -26.67 -0.11 -10.67
C PHE A 94 -25.23 0.14 -10.24
N ASP A 95 -24.31 -0.05 -11.18
CA ASP A 95 -22.87 0.09 -10.93
C ASP A 95 -22.48 1.50 -10.47
N GLY A 96 -23.15 2.50 -11.03
CA GLY A 96 -22.82 3.89 -10.72
C GLY A 96 -22.29 4.58 -11.96
N ARG A 97 -21.77 3.79 -12.88
CA ARG A 97 -21.21 4.32 -14.12
C ARG A 97 -22.05 3.93 -15.33
N LYS A 98 -21.79 2.75 -15.88
CA LYS A 98 -22.41 2.32 -17.13
C LYS A 98 -23.03 0.93 -17.08
N ASN A 99 -23.17 0.36 -15.88
CA ASN A 99 -23.65 -1.02 -15.77
C ASN A 99 -24.88 -1.18 -14.89
N LEU A 100 -25.88 -1.90 -15.41
CA LEU A 100 -27.08 -2.26 -14.66
C LEU A 100 -27.24 -3.78 -14.68
N TYR A 101 -27.73 -4.35 -13.59
CA TYR A 101 -27.93 -5.80 -13.53
C TYR A 101 -29.34 -6.14 -13.05
N THR A 102 -29.93 -7.17 -13.66
CA THR A 102 -31.25 -7.64 -13.25
C THR A 102 -31.24 -9.15 -12.98
N ALA A 103 -32.16 -9.59 -12.13
CA ALA A 103 -32.30 -11.01 -11.83
C ALA A 103 -33.03 -11.72 -12.95
N MET A 104 -33.88 -10.98 -13.65
CA MET A 104 -34.65 -11.51 -14.77
C MET A 104 -34.63 -10.54 -15.94
N PRO A 105 -34.79 -11.06 -17.17
CA PRO A 105 -34.72 -10.19 -18.34
C PRO A 105 -35.80 -9.11 -18.37
N LEU A 106 -35.40 -7.88 -18.66
CA LEU A 106 -36.33 -6.78 -18.82
C LEU A 106 -37.16 -6.98 -20.08
N PRO A 107 -38.38 -6.44 -20.11
CA PRO A 107 -39.19 -6.52 -21.33
C PRO A 107 -38.71 -5.52 -22.38
N ILE A 108 -37.45 -5.68 -22.76
CA ILE A 108 -36.77 -4.74 -23.65
C ILE A 108 -36.19 -5.51 -24.84
N GLY A 109 -35.85 -6.76 -24.59
CA GLY A 109 -35.18 -7.57 -25.59
C GLY A 109 -33.70 -7.36 -25.47
N ARG A 110 -33.05 -6.98 -26.56
CA ARG A 110 -31.63 -6.67 -26.54
C ARG A 110 -31.34 -5.42 -27.37
N ASP A 111 -32.40 -4.74 -27.79
CA ASP A 111 -32.26 -3.53 -28.60
C ASP A 111 -32.34 -2.29 -27.70
N LYS A 112 -31.65 -1.23 -28.09
CA LYS A 112 -31.53 -0.03 -27.28
C LYS A 112 -32.89 0.64 -27.05
N VAL A 113 -33.08 1.17 -25.84
CA VAL A 113 -34.34 1.80 -25.46
C VAL A 113 -34.12 3.14 -24.77
N GLU A 114 -34.80 4.18 -25.25
CA GLU A 114 -34.65 5.53 -24.70
C GLU A 114 -35.76 5.87 -23.72
N LEU A 115 -35.37 6.35 -22.53
CA LEU A 115 -36.31 6.73 -21.50
C LEU A 115 -36.00 8.11 -20.93
N GLU A 116 -37.01 8.96 -20.84
CA GLU A 116 -36.83 10.29 -20.26
C GLU A 116 -37.12 10.28 -18.77
N VAL A 117 -36.19 10.81 -17.99
CA VAL A 117 -36.35 10.90 -16.54
C VAL A 117 -36.26 12.37 -16.10
N THR A 118 -37.11 12.76 -15.16
CA THR A 118 -37.09 14.13 -14.66
C THR A 118 -36.74 14.17 -13.18
N LEU A 119 -36.08 15.23 -12.74
CA LEU A 119 -35.61 15.36 -11.37
C LEU A 119 -35.89 16.74 -10.81
N PRO A 120 -36.18 16.82 -9.50
CA PRO A 120 -36.41 18.11 -8.83
C PRO A 120 -35.12 18.87 -8.55
N ARG A 126 -33.73 17.84 -13.29
CA ARG A 126 -33.93 18.28 -14.66
C ARG A 126 -34.26 17.08 -15.56
N ILE A 127 -34.55 17.36 -16.83
CA ILE A 127 -34.87 16.31 -17.79
C ILE A 127 -33.62 15.55 -18.22
N PHE A 128 -33.58 14.26 -17.90
CA PHE A 128 -32.48 13.39 -18.33
C PHE A 128 -32.97 12.35 -19.33
N LYS A 129 -32.08 11.92 -20.22
CA LYS A 129 -32.42 10.91 -21.21
C LYS A 129 -31.46 9.73 -21.12
N VAL A 130 -31.94 8.61 -20.60
CA VAL A 130 -31.09 7.43 -20.41
C VAL A 130 -31.33 6.38 -21.50
N SER A 131 -30.34 5.52 -21.69
CA SER A 131 -30.41 4.48 -22.71
C SER A 131 -29.97 3.14 -22.13
N ILE A 132 -30.83 2.14 -22.25
CA ILE A 132 -30.53 0.81 -21.74
C ILE A 132 -30.44 -0.20 -22.87
N LYS A 133 -29.36 -0.97 -22.89
CA LYS A 133 -29.19 -2.00 -23.92
C LYS A 133 -28.53 -3.25 -23.31
N TRP A 134 -29.05 -4.42 -23.67
CA TRP A 134 -28.51 -5.67 -23.15
C TRP A 134 -27.10 -5.93 -23.65
N VAL A 135 -26.25 -6.42 -22.76
CA VAL A 135 -24.85 -6.69 -23.10
C VAL A 135 -24.55 -8.19 -23.09
N SER A 136 -24.70 -8.81 -21.93
CA SER A 136 -24.39 -10.22 -21.78
C SER A 136 -25.18 -10.86 -20.64
N CYS A 137 -25.06 -12.17 -20.50
CA CYS A 137 -25.64 -12.88 -19.37
C CYS A 137 -24.55 -13.35 -18.42
N VAL A 138 -24.81 -13.21 -17.13
CA VAL A 138 -23.84 -13.57 -16.11
C VAL A 138 -24.27 -14.83 -15.37
N SER A 139 -23.78 -15.98 -15.81
CA SER A 139 -24.19 -17.27 -15.25
C SER A 139 -23.52 -17.54 -13.90
N LEU A 140 -24.33 -17.62 -12.85
CA LEU A 140 -23.84 -17.93 -11.52
C LEU A 140 -23.50 -19.41 -11.38
N GLN A 141 -24.01 -20.21 -12.31
CA GLN A 141 -23.77 -21.64 -12.34
C GLN A 141 -22.30 -21.90 -12.63
N ALA A 142 -21.75 -21.14 -13.56
CA ALA A 142 -20.33 -21.22 -13.90
C ALA A 142 -19.51 -20.89 -12.67
N LEU A 143 -19.99 -19.92 -11.90
CA LEU A 143 -19.35 -19.53 -10.65
C LEU A 143 -19.37 -20.70 -9.66
N HIS A 144 -20.52 -21.36 -9.57
CA HIS A 144 -20.66 -22.52 -8.70
C HIS A 144 -19.68 -23.63 -9.10
N ASP A 145 -19.54 -23.85 -10.40
CA ASP A 145 -18.63 -24.85 -10.92
C ASP A 145 -17.19 -24.50 -10.59
N ALA A 146 -16.89 -23.20 -10.64
CA ALA A 146 -15.56 -22.72 -10.28
C ALA A 146 -15.29 -22.95 -8.80
N LEU A 147 -16.30 -22.73 -7.97
CA LEU A 147 -16.17 -22.90 -6.52
C LEU A 147 -16.11 -24.37 -6.14
N SER A 148 -16.63 -25.23 -7.01
CA SER A 148 -16.66 -26.66 -6.73
C SER A 148 -15.44 -27.36 -7.30
N GLY A 149 -14.72 -26.69 -8.18
CA GLY A 149 -13.53 -27.25 -8.79
C GLY A 149 -13.80 -27.87 -10.15
N ARG A 150 -15.05 -27.83 -10.59
CA ARG A 150 -15.42 -28.36 -11.90
C ARG A 150 -14.82 -27.49 -13.00
N LEU A 151 -14.81 -26.18 -12.77
CA LEU A 151 -14.12 -25.23 -13.63
C LEU A 151 -12.85 -24.75 -12.95
N PRO A 152 -11.70 -24.88 -13.62
CA PRO A 152 -10.39 -24.54 -13.04
C PRO A 152 -10.23 -23.04 -12.76
N SER A 153 -10.86 -22.20 -13.57
CA SER A 153 -10.74 -20.75 -13.41
C SER A 153 -12.09 -20.12 -13.05
N VAL A 154 -12.03 -19.07 -12.24
CA VAL A 154 -13.24 -18.39 -11.78
C VAL A 154 -13.61 -17.20 -12.67
N PRO A 155 -14.86 -17.18 -13.16
CA PRO A 155 -15.37 -16.07 -13.97
C PRO A 155 -15.33 -14.74 -13.21
N PHE A 156 -14.82 -13.70 -13.85
CA PHE A 156 -14.66 -12.40 -13.21
C PHE A 156 -15.95 -11.60 -13.22
N GLU A 157 -16.71 -11.72 -14.31
CA GLU A 157 -17.95 -10.98 -14.48
C GLU A 157 -18.95 -11.32 -13.38
N THR A 158 -18.95 -12.58 -12.96
CA THR A 158 -19.80 -13.03 -11.85
C THR A 158 -19.47 -12.28 -10.57
N ILE A 159 -18.18 -12.27 -10.23
CA ILE A 159 -17.71 -11.55 -9.04
C ILE A 159 -18.08 -10.08 -9.10
N GLN A 160 -17.86 -9.45 -10.26
CA GLN A 160 -18.17 -8.04 -10.41
C GLN A 160 -19.67 -7.77 -10.21
N ALA A 161 -20.50 -8.60 -10.82
CA ALA A 161 -21.94 -8.47 -10.71
C ALA A 161 -22.41 -8.60 -9.26
N LEU A 162 -21.98 -9.67 -8.59
CA LEU A 162 -22.33 -9.88 -7.19
C LEU A 162 -21.91 -8.68 -6.34
N ASP A 163 -20.70 -8.20 -6.57
CA ASP A 163 -20.18 -7.05 -5.86
C ASP A 163 -21.07 -5.82 -6.05
N VAL A 164 -21.52 -5.60 -7.29
CA VAL A 164 -22.43 -4.49 -7.57
C VAL A 164 -23.73 -4.64 -6.78
N VAL A 165 -24.29 -5.85 -6.81
CA VAL A 165 -25.51 -6.15 -6.06
C VAL A 165 -25.34 -5.80 -4.59
N MET A 166 -24.23 -6.21 -4.00
CA MET A 166 -23.97 -5.93 -2.60
C MET A 166 -23.74 -4.45 -2.32
N ARG A 167 -23.20 -3.73 -3.29
CA ARG A 167 -22.84 -2.33 -3.09
C ARG A 167 -23.99 -1.34 -3.32
N HIS A 168 -25.03 -1.78 -4.03
CA HIS A 168 -26.09 -0.86 -4.45
C HIS A 168 -26.68 0.03 -3.33
N LEU A 169 -27.35 -0.60 -2.36
CA LEU A 169 -28.01 0.16 -1.29
C LEU A 169 -27.05 0.98 -0.41
N PRO A 170 -25.94 0.37 0.06
CA PRO A 170 -25.03 1.21 0.86
C PRO A 170 -24.43 2.36 0.09
N SER A 171 -24.42 2.27 -1.25
CA SER A 171 -23.94 3.37 -2.08
C SER A 171 -24.97 4.49 -2.15
N MET A 172 -26.21 4.16 -1.78
CA MET A 172 -27.29 5.14 -1.75
C MET A 172 -27.41 5.79 -0.38
N ARG A 173 -27.30 4.98 0.67
CA ARG A 173 -27.48 5.49 2.03
C ARG A 173 -26.21 6.09 2.61
N TYR A 174 -25.06 5.78 2.02
CA TYR A 174 -23.79 6.28 2.53
C TYR A 174 -22.93 6.90 1.43
N THR A 175 -21.73 7.34 1.79
CA THR A 175 -20.83 8.01 0.87
C THR A 175 -19.72 7.08 0.40
N PRO A 176 -19.82 6.59 -0.84
CA PRO A 176 -18.84 5.63 -1.37
C PRO A 176 -17.49 6.25 -1.73
N VAL A 177 -16.42 5.67 -1.19
CA VAL A 177 -15.07 6.05 -1.55
C VAL A 177 -14.24 4.81 -1.84
N GLY A 178 -13.87 4.63 -3.11
CA GLY A 178 -13.14 3.44 -3.52
C GLY A 178 -13.99 2.20 -3.37
N ARG A 179 -13.56 1.31 -2.48
CA ARG A 179 -14.32 0.09 -2.18
C ARG A 179 -14.96 0.18 -0.80
N SER A 180 -14.94 1.38 -0.22
CA SER A 180 -15.46 1.59 1.13
C SER A 180 -16.67 2.52 1.14
N PHE A 181 -17.36 2.58 2.27
CA PHE A 181 -18.50 3.49 2.44
C PHE A 181 -18.36 4.24 3.76
N PHE A 182 -18.63 5.54 3.74
CA PHE A 182 -18.45 6.38 4.92
C PHE A 182 -19.73 7.13 5.31
N THR A 183 -19.81 7.53 6.57
CA THR A 183 -20.95 8.27 7.09
C THR A 183 -20.56 9.09 8.30
N ALA A 184 -21.45 9.98 8.74
CA ALA A 184 -21.16 10.88 9.84
C ALA A 184 -21.94 10.55 11.11
N SER A 185 -21.38 10.94 12.26
CA SER A 185 -22.00 10.75 13.56
C SER A 185 -22.42 9.30 13.80
N ASN A 190 -15.62 13.42 16.62
CA ASN A 190 -14.65 13.35 15.52
C ASN A 190 -14.08 14.69 15.02
N PRO A 191 -14.07 15.76 15.84
CA PRO A 191 -13.58 16.98 15.20
C PRO A 191 -12.06 17.03 15.09
N LEU A 192 -11.55 17.27 13.90
CA LEU A 192 -10.11 17.29 13.67
C LEU A 192 -9.53 18.66 14.01
N GLY A 193 -9.97 19.69 13.30
CA GLY A 193 -9.57 21.05 13.61
C GLY A 193 -8.78 21.75 12.53
N GLY A 194 -8.59 21.08 11.40
CA GLY A 194 -7.90 21.68 10.26
C GLY A 194 -8.89 22.21 9.25
N GLY A 195 -10.06 22.59 9.72
CA GLY A 195 -11.16 22.97 8.84
C GLY A 195 -11.77 21.71 8.24
N ARG A 196 -11.44 20.57 8.84
CA ARG A 196 -11.87 19.28 8.33
C ARG A 196 -12.32 18.34 9.44
N GLU A 197 -12.96 17.25 9.06
CA GLU A 197 -13.45 16.26 10.01
C GLU A 197 -12.97 14.86 9.65
N VAL A 198 -13.06 13.93 10.60
CA VAL A 198 -12.73 12.53 10.36
C VAL A 198 -14.01 11.72 10.22
N TRP A 199 -14.09 10.90 9.18
CA TRP A 199 -15.26 10.05 8.99
C TRP A 199 -14.92 8.57 9.06
N PHE A 200 -15.82 7.82 9.69
CA PHE A 200 -15.66 6.37 9.83
C PHE A 200 -16.53 5.60 8.86
N GLY A 201 -16.02 4.47 8.41
CA GLY A 201 -16.72 3.64 7.47
C GLY A 201 -16.16 2.24 7.38
N PHE A 202 -16.56 1.54 6.31
CA PHE A 202 -16.17 0.15 6.14
C PHE A 202 -15.84 -0.22 4.71
N HIS A 203 -14.74 -0.95 4.54
CA HIS A 203 -14.39 -1.57 3.27
C HIS A 203 -15.24 -2.82 3.07
N GLN A 204 -15.72 -3.00 1.85
CA GLN A 204 -16.55 -4.14 1.50
C GLN A 204 -16.18 -4.71 0.14
N SER A 205 -15.88 -5.99 0.10
CA SER A 205 -15.59 -6.65 -1.18
C SER A 205 -16.14 -8.07 -1.21
N VAL A 206 -16.06 -8.70 -2.37
CA VAL A 206 -16.59 -10.05 -2.55
C VAL A 206 -15.48 -11.00 -3.01
N ARG A 207 -15.27 -12.07 -2.26
CA ARG A 207 -14.16 -12.99 -2.53
C ARG A 207 -14.62 -14.43 -2.70
N PRO A 208 -14.09 -15.12 -3.72
CA PRO A 208 -14.39 -16.55 -3.89
C PRO A 208 -13.66 -17.42 -2.87
N SER A 209 -14.34 -18.45 -2.39
CA SER A 209 -13.73 -19.41 -1.46
C SER A 209 -14.05 -20.83 -1.90
N LEU A 210 -13.81 -21.79 -1.02
CA LEU A 210 -14.14 -23.17 -1.30
C LEU A 210 -15.63 -23.42 -1.13
N TRP A 211 -16.29 -23.78 -2.23
CA TRP A 211 -17.71 -24.13 -2.25
C TRP A 211 -18.66 -22.98 -1.92
N LYS A 212 -18.11 -21.77 -1.74
CA LYS A 212 -18.95 -20.64 -1.35
C LYS A 212 -18.30 -19.29 -1.62
N MET A 213 -19.13 -18.26 -1.68
CA MET A 213 -18.65 -16.88 -1.76
C MET A 213 -18.59 -16.27 -0.37
N MET A 214 -17.66 -15.34 -0.18
CA MET A 214 -17.46 -14.67 1.09
C MET A 214 -17.59 -13.17 0.93
N LEU A 215 -18.25 -12.54 1.91
CA LEU A 215 -18.36 -11.09 1.94
C LEU A 215 -17.32 -10.52 2.91
N ASN A 216 -16.30 -9.89 2.35
CA ASN A 216 -15.21 -9.34 3.15
C ASN A 216 -15.52 -7.93 3.63
N ILE A 217 -15.76 -7.79 4.93
CA ILE A 217 -15.99 -6.49 5.55
C ILE A 217 -14.84 -6.15 6.49
N ASP A 218 -14.31 -4.94 6.35
CA ASP A 218 -13.29 -4.45 7.27
C ASP A 218 -13.61 -3.01 7.63
N VAL A 219 -12.97 -2.47 8.66
CA VAL A 219 -13.26 -1.11 9.09
C VAL A 219 -12.16 -0.15 8.62
N SER A 220 -12.56 1.06 8.25
CA SER A 220 -11.60 2.07 7.80
C SER A 220 -12.09 3.48 8.12
N ALA A 221 -11.21 4.46 7.96
CA ALA A 221 -11.60 5.85 8.16
C ALA A 221 -10.92 6.73 7.12
N THR A 222 -11.45 7.94 6.92
CA THR A 222 -10.84 8.86 5.95
C THR A 222 -11.14 10.31 6.32
N ALA A 223 -10.49 11.23 5.61
CA ALA A 223 -10.64 12.66 5.87
C ALA A 223 -11.78 13.26 5.04
N PHE A 224 -12.61 14.05 5.70
CA PHE A 224 -13.71 14.74 5.04
C PHE A 224 -13.70 16.23 5.40
N TYR A 225 -14.59 17.00 4.80
CA TYR A 225 -14.78 18.38 5.18
C TYR A 225 -16.00 18.50 6.08
N LYS A 226 -15.84 19.17 7.21
CA LYS A 226 -16.93 19.31 8.18
C LYS A 226 -18.08 20.12 7.62
N ALA A 227 -19.30 19.61 7.78
CA ALA A 227 -20.50 20.35 7.42
C ALA A 227 -20.58 21.65 8.21
N GLN A 228 -19.93 22.69 7.71
CA GLN A 228 -19.83 23.97 8.42
C GLN A 228 -20.49 25.13 7.68
N PRO A 229 -20.84 26.18 8.42
CA PRO A 229 -21.04 27.47 7.76
C PRO A 229 -19.68 28.02 7.32
N VAL A 230 -19.59 28.54 6.11
CA VAL A 230 -18.32 29.01 5.55
C VAL A 230 -17.67 30.06 6.45
N ILE A 231 -18.50 30.88 7.09
CA ILE A 231 -18.02 31.96 7.94
C ILE A 231 -17.31 31.44 9.19
N GLU A 232 -17.55 30.18 9.53
CA GLU A 232 -16.85 29.55 10.66
C GLU A 232 -15.70 28.69 10.14
N PHE A 233 -15.85 28.19 8.91
CA PHE A 233 -14.80 27.45 8.23
C PHE A 233 -13.57 28.33 8.05
N VAL A 234 -13.81 29.61 7.77
CA VAL A 234 -12.75 30.60 7.69
C VAL A 234 -11.99 30.69 9.02
N CYS A 235 -12.76 30.79 10.10
CA CYS A 235 -12.20 30.89 11.44
C CYS A 235 -11.40 29.65 11.83
N GLU A 236 -11.82 28.49 11.32
CA GLU A 236 -11.09 27.26 11.58
C GLU A 236 -9.81 27.17 10.76
N VAL A 237 -9.88 27.53 9.49
CA VAL A 237 -8.73 27.49 8.60
C VAL A 237 -7.64 28.47 9.03
N LEU A 238 -8.02 29.69 9.41
CA LEU A 238 -7.05 30.69 9.85
C LEU A 238 -6.80 30.65 11.36
N ASP A 239 -7.48 29.73 12.04
CA ASP A 239 -7.34 29.53 13.48
C ASP A 239 -7.63 30.79 14.29
N PHE A 240 -8.55 31.62 13.80
CA PHE A 240 -9.14 32.67 14.60
C PHE A 240 -10.10 31.97 15.55
N LYS A 241 -10.17 32.41 16.80
CA LYS A 241 -11.02 31.75 17.78
C LYS A 241 -12.48 31.78 17.33
N SER A 242 -12.99 32.97 17.03
CA SER A 242 -14.31 33.12 16.45
C SER A 242 -14.29 34.21 15.40
N ILE A 243 -15.46 34.79 15.14
CA ILE A 243 -15.58 35.78 14.08
C ILE A 243 -15.36 37.18 14.62
N GLU A 244 -15.52 37.37 15.92
CA GLU A 244 -15.46 38.72 16.49
C GLU A 244 -14.07 39.37 16.33
N GLU A 245 -13.07 38.54 16.04
CA GLU A 245 -11.71 39.04 15.80
C GLU A 245 -11.54 39.41 14.33
N GLN A 246 -12.41 40.31 13.86
CA GLN A 246 -12.45 40.81 12.48
C GLN A 246 -12.17 39.74 11.43
N THR A 251 -5.60 40.27 6.00
CA THR A 251 -4.68 40.76 4.98
C THR A 251 -4.83 39.96 3.68
N ASP A 252 -3.99 40.28 2.70
CA ASP A 252 -4.04 39.64 1.40
C ASP A 252 -3.62 38.17 1.48
N SER A 253 -2.60 37.90 2.28
CA SER A 253 -2.13 36.53 2.48
C SER A 253 -3.20 35.70 3.19
N GLN A 254 -3.92 36.34 4.09
CA GLN A 254 -5.02 35.71 4.80
C GLN A 254 -6.14 35.36 3.83
N ARG A 255 -6.25 36.15 2.75
CA ARG A 255 -7.24 35.91 1.71
C ARG A 255 -6.79 34.76 0.81
N VAL A 256 -5.50 34.73 0.52
CA VAL A 256 -4.93 33.70 -0.35
C VAL A 256 -4.98 32.31 0.29
N LYS A 257 -4.57 32.23 1.55
CA LYS A 257 -4.53 30.94 2.27
C LYS A 257 -5.92 30.32 2.35
N PHE A 258 -6.94 31.15 2.52
CA PHE A 258 -8.32 30.68 2.52
C PHE A 258 -8.75 30.29 1.11
N THR A 259 -8.35 31.10 0.14
CA THR A 259 -8.67 30.86 -1.26
C THR A 259 -8.19 29.49 -1.72
N LYS A 260 -7.01 29.09 -1.25
CA LYS A 260 -6.48 27.77 -1.60
C LYS A 260 -7.34 26.64 -1.05
N GLU A 261 -7.77 26.78 0.20
CA GLU A 261 -8.51 25.72 0.87
C GLU A 261 -9.95 25.61 0.39
N ILE A 262 -10.52 26.73 -0.04
CA ILE A 262 -11.94 26.74 -0.43
C ILE A 262 -12.17 26.51 -1.92
N LYS A 263 -11.17 26.82 -2.74
CA LYS A 263 -11.33 26.72 -4.19
C LYS A 263 -11.48 25.27 -4.65
N GLY A 264 -12.65 24.96 -5.19
CA GLY A 264 -12.92 23.62 -5.68
C GLY A 264 -14.01 22.91 -4.89
N LEU A 265 -14.38 23.48 -3.75
CA LEU A 265 -15.40 22.88 -2.89
C LEU A 265 -16.80 23.34 -3.26
N LYS A 266 -17.81 22.61 -2.78
CA LYS A 266 -19.20 22.94 -3.07
C LYS A 266 -19.87 23.64 -1.89
N VAL A 267 -20.85 24.49 -2.19
CA VAL A 267 -21.57 25.23 -1.17
C VAL A 267 -23.08 25.23 -1.43
N GLU A 268 -23.87 25.55 -0.41
CA GLU A 268 -25.31 25.55 -0.55
C GLU A 268 -25.94 26.87 -0.08
N ILE A 269 -26.98 27.30 -0.78
CA ILE A 269 -27.67 28.54 -0.46
C ILE A 269 -28.59 28.37 0.76
N THR A 270 -28.56 29.34 1.66
CA THR A 270 -29.39 29.29 2.86
C THR A 270 -30.50 30.33 2.88
N HIS A 271 -30.52 31.21 1.88
CA HIS A 271 -31.49 32.31 1.85
C HIS A 271 -32.72 31.98 1.01
N CYS A 272 -33.08 30.70 0.95
CA CYS A 272 -34.28 30.27 0.22
C CYS A 272 -35.01 29.16 0.96
N LYS A 276 -30.35 24.81 -0.39
CA LYS A 276 -31.30 24.47 -1.44
C LYS A 276 -30.58 24.24 -2.76
N ARG A 277 -30.11 25.33 -3.37
CA ARG A 277 -29.34 25.25 -4.61
C ARG A 277 -27.86 25.12 -4.28
N LYS A 278 -27.19 24.17 -4.94
CA LYS A 278 -25.77 23.93 -4.67
C LYS A 278 -24.88 24.40 -5.82
N TYR A 279 -23.78 25.06 -5.47
CA TYR A 279 -22.82 25.52 -6.46
C TYR A 279 -21.43 24.97 -6.18
N ARG A 280 -20.47 25.36 -7.01
CA ARG A 280 -19.07 25.01 -6.80
C ARG A 280 -18.19 26.25 -6.78
N VAL A 281 -17.43 26.43 -5.71
CA VAL A 281 -16.56 27.58 -5.57
C VAL A 281 -15.40 27.52 -6.57
N CYS A 282 -15.24 28.59 -7.34
CA CYS A 282 -14.18 28.65 -8.33
C CYS A 282 -13.10 29.66 -7.96
N ASN A 283 -13.47 30.65 -7.17
CA ASN A 283 -12.53 31.69 -6.76
C ASN A 283 -13.03 32.50 -5.56
N VAL A 284 -12.17 33.37 -5.03
CA VAL A 284 -12.52 34.27 -3.95
C VAL A 284 -12.19 35.71 -4.34
N THR A 285 -13.09 36.62 -4.01
CA THR A 285 -12.95 38.03 -4.39
C THR A 285 -11.71 38.73 -3.85
N ARG A 286 -11.45 39.91 -4.40
CA ARG A 286 -10.53 40.87 -3.81
C ARG A 286 -11.37 42.04 -3.32
N ARG A 287 -12.55 42.17 -3.91
CA ARG A 287 -13.49 43.24 -3.57
C ARG A 287 -14.58 42.71 -2.65
N PRO A 288 -14.62 43.22 -1.41
CA PRO A 288 -15.64 42.85 -0.41
C PRO A 288 -17.05 43.19 -0.87
N ALA A 289 -18.05 42.51 -0.33
CA ALA A 289 -19.45 42.68 -0.72
C ALA A 289 -19.91 44.14 -0.62
N SER A 290 -19.27 44.90 0.26
CA SER A 290 -19.58 46.33 0.40
C SER A 290 -19.10 47.11 -0.82
N HIS A 291 -17.90 46.80 -1.29
CA HIS A 291 -17.30 47.53 -2.40
C HIS A 291 -17.12 46.64 -3.64
N GLN A 292 -17.90 45.58 -3.73
CA GLN A 292 -17.93 44.73 -4.92
C GLN A 292 -19.12 45.13 -5.79
N THR A 293 -18.98 45.01 -7.11
CA THR A 293 -20.06 45.36 -8.02
C THR A 293 -20.34 44.25 -9.03
N PHE A 294 -21.54 44.27 -9.60
CA PHE A 294 -21.93 43.32 -10.65
C PHE A 294 -23.08 43.90 -11.46
N PRO A 295 -23.18 43.54 -12.74
CA PRO A 295 -24.28 44.00 -13.59
C PRO A 295 -25.64 43.46 -13.15
N THR A 303 -27.70 47.81 -18.10
CA THR A 303 -26.88 47.28 -17.02
C THR A 303 -26.60 48.35 -15.96
N VAL A 304 -26.86 48.00 -14.71
CA VAL A 304 -26.58 48.90 -13.59
C VAL A 304 -25.80 48.17 -12.50
N GLU A 305 -24.60 48.65 -12.22
CA GLU A 305 -23.74 48.02 -11.22
C GLU A 305 -24.30 48.15 -9.82
N CYS A 306 -24.74 47.02 -9.27
CA CYS A 306 -25.24 46.98 -7.89
C CYS A 306 -24.23 46.23 -7.02
N THR A 307 -24.08 46.67 -5.77
CA THR A 307 -23.16 46.02 -4.86
C THR A 307 -23.82 44.83 -4.19
N VAL A 308 -23.03 43.79 -3.90
CA VAL A 308 -23.54 42.57 -3.30
C VAL A 308 -24.32 42.84 -2.02
N ALA A 309 -23.79 43.74 -1.20
CA ALA A 309 -24.47 44.13 0.04
C ALA A 309 -25.80 44.79 -0.27
N GLN A 310 -25.78 45.79 -1.15
CA GLN A 310 -27.00 46.50 -1.54
C GLN A 310 -27.95 45.59 -2.31
N TYR A 311 -27.40 44.65 -3.07
CA TYR A 311 -28.22 43.71 -3.82
C TYR A 311 -28.98 42.78 -2.89
N PHE A 312 -28.29 42.23 -1.90
CA PHE A 312 -28.93 41.36 -0.92
C PHE A 312 -29.84 42.16 0.00
N LYS A 313 -29.58 43.46 0.09
CA LYS A 313 -30.38 44.35 0.90
C LYS A 313 -31.73 44.62 0.23
N ASP A 314 -31.70 44.91 -1.06
CA ASP A 314 -32.91 45.21 -1.82
C ASP A 314 -33.70 43.94 -2.15
N ARG A 315 -33.02 42.97 -2.75
CA ARG A 315 -33.65 41.77 -3.29
C ARG A 315 -33.94 40.70 -2.23
N HIS A 316 -32.94 40.39 -1.42
CA HIS A 316 -33.05 39.27 -0.49
C HIS A 316 -33.36 39.69 0.96
N LYS A 317 -33.65 40.97 1.14
CA LYS A 317 -34.06 41.53 2.44
C LYS A 317 -33.12 41.19 3.59
N LEU A 318 -31.85 40.95 3.27
CA LEU A 318 -30.88 40.55 4.29
C LEU A 318 -30.06 41.71 4.82
N VAL A 319 -30.00 41.82 6.15
CA VAL A 319 -29.15 42.79 6.83
C VAL A 319 -27.69 42.62 6.41
N LEU A 320 -27.30 41.37 6.19
CA LEU A 320 -25.92 41.00 5.86
C LEU A 320 -24.98 41.51 6.95
N ARG A 321 -24.95 40.79 8.07
CA ARG A 321 -24.23 41.19 9.28
C ARG A 321 -22.72 41.36 9.08
N TYR A 322 -22.21 40.83 7.96
CA TYR A 322 -20.78 40.92 7.65
C TYR A 322 -20.56 41.47 6.25
N PRO A 323 -20.70 42.79 6.11
CA PRO A 323 -20.63 43.44 4.80
C PRO A 323 -19.19 43.63 4.31
N HIS A 324 -18.22 43.38 5.17
CA HIS A 324 -16.84 43.73 4.86
C HIS A 324 -15.99 42.54 4.39
N LEU A 325 -16.52 41.33 4.55
CA LEU A 325 -15.77 40.13 4.18
C LEU A 325 -15.95 39.78 2.71
N PRO A 326 -14.92 39.16 2.11
CA PRO A 326 -14.90 38.76 0.69
C PRO A 326 -16.13 37.95 0.24
N CYS A 327 -16.30 37.87 -1.07
CA CYS A 327 -17.46 37.22 -1.66
C CYS A 327 -17.05 35.97 -2.44
N LEU A 328 -17.89 34.93 -2.37
CA LEU A 328 -17.59 33.67 -3.04
C LEU A 328 -17.90 33.73 -4.53
N GLN A 329 -16.86 33.69 -5.35
CA GLN A 329 -17.02 33.61 -6.80
C GLN A 329 -17.54 32.23 -7.17
N VAL A 330 -18.71 32.21 -7.79
CA VAL A 330 -19.42 30.95 -8.04
C VAL A 330 -19.76 30.76 -9.52
N GLY A 331 -19.58 29.54 -10.01
CA GLY A 331 -19.90 29.22 -11.39
C GLY A 331 -18.72 29.46 -12.30
N GLN A 332 -18.63 30.69 -12.81
CA GLN A 332 -17.52 31.08 -13.67
C GLN A 332 -17.18 32.56 -13.49
N GLN A 334 -16.20 33.88 -16.04
CA GLN A 334 -17.16 34.48 -16.95
C GLN A 334 -18.20 35.34 -16.23
N LYS A 335 -19.40 34.79 -16.08
CA LYS A 335 -20.53 35.55 -15.56
C LYS A 335 -20.55 35.64 -14.04
N HIS A 336 -20.63 36.87 -13.54
CA HIS A 336 -20.57 37.14 -12.10
C HIS A 336 -21.74 36.54 -11.34
N THR A 337 -21.44 35.60 -10.45
CA THR A 337 -22.42 35.06 -9.51
C THR A 337 -21.80 35.02 -8.11
N TYR A 338 -21.87 36.14 -7.41
CA TYR A 338 -21.17 36.29 -6.14
C TYR A 338 -22.09 36.24 -4.93
N LEU A 339 -21.75 35.37 -3.98
CA LEU A 339 -22.53 35.23 -2.75
C LEU A 339 -21.62 35.34 -1.53
N PRO A 340 -21.99 36.21 -0.57
CA PRO A 340 -21.19 36.44 0.63
C PRO A 340 -21.10 35.21 1.52
N LEU A 341 -20.18 35.23 2.48
CA LEU A 341 -19.92 34.09 3.35
C LEU A 341 -21.10 33.81 4.28
N GLU A 342 -21.88 34.83 4.57
CA GLU A 342 -22.98 34.75 5.52
C GLU A 342 -24.08 33.79 5.06
N VAL A 343 -24.30 33.71 3.76
CA VAL A 343 -25.39 32.92 3.21
C VAL A 343 -24.95 31.53 2.75
N CYS A 344 -23.67 31.22 2.95
CA CYS A 344 -23.13 29.99 2.40
C CYS A 344 -22.71 29.00 3.47
N ASN A 345 -23.12 27.76 3.28
CA ASN A 345 -22.72 26.65 4.14
C ASN A 345 -22.04 25.57 3.32
N ILE A 346 -21.04 24.92 3.89
CA ILE A 346 -20.33 23.85 3.21
C ILE A 346 -21.16 22.57 3.23
N VAL A 347 -21.38 22.01 2.04
CA VAL A 347 -22.17 20.79 1.91
C VAL A 347 -21.48 19.62 2.59
N ALA A 348 -22.27 18.73 3.18
CA ALA A 348 -21.72 17.55 3.85
C ALA A 348 -21.41 16.45 2.85
N GLY A 349 -20.34 15.71 3.10
CA GLY A 349 -19.98 14.58 2.27
C GLY A 349 -18.89 14.86 1.26
N GLN A 350 -18.07 15.87 1.52
CA GLN A 350 -16.96 16.20 0.63
C GLN A 350 -15.63 15.67 1.15
N ARG A 351 -15.02 14.78 0.37
CA ARG A 351 -13.75 14.17 0.75
C ARG A 351 -12.57 15.10 0.50
N CYS A 352 -11.59 15.08 1.41
CA CYS A 352 -10.38 15.88 1.26
C CYS A 352 -9.27 15.10 0.57
N ILE A 353 -8.55 15.77 -0.32
CA ILE A 353 -7.43 15.15 -1.03
C ILE A 353 -6.13 15.90 -0.71
N LYS A 354 -6.27 17.15 -0.28
CA LYS A 354 -5.13 17.95 0.16
C LYS A 354 -4.31 17.19 1.19
N LYS A 355 -2.99 17.17 1.03
CA LYS A 355 -2.13 16.42 1.92
C LYS A 355 -2.33 16.87 3.37
N LEU A 356 -2.34 15.89 4.27
CA LEU A 356 -2.71 16.13 5.66
C LEU A 356 -1.62 16.85 6.45
N THR A 357 -2.04 17.79 7.28
CA THR A 357 -1.12 18.47 8.19
C THR A 357 -0.59 17.47 9.20
N ASP A 358 0.58 17.75 9.77
CA ASP A 358 1.18 16.90 10.80
C ASP A 358 0.19 16.58 11.91
N ASN A 359 -0.49 17.62 12.40
CA ASN A 359 -1.46 17.45 13.46
C ASN A 359 -2.70 16.67 13.00
N GLN A 360 -3.05 16.81 11.73
CA GLN A 360 -4.17 16.06 11.18
C GLN A 360 -3.87 14.56 11.17
N THR A 361 -2.69 14.22 10.66
CA THR A 361 -2.26 12.83 10.59
C THR A 361 -2.15 12.24 11.99
N SER A 362 -1.48 12.97 12.88
CA SER A 362 -1.29 12.53 14.26
C SER A 362 -2.63 12.30 14.97
N THR A 363 -3.51 13.29 14.89
CA THR A 363 -4.82 13.22 15.55
C THR A 363 -5.68 12.11 14.97
N MET A 364 -5.59 11.91 13.65
CA MET A 364 -6.36 10.86 12.98
C MET A 364 -5.90 9.49 13.44
N ILE A 365 -4.58 9.31 13.52
CA ILE A 365 -4.02 8.05 14.02
C ILE A 365 -4.44 7.84 15.47
N ARG A 366 -4.46 8.91 16.25
CA ARG A 366 -4.96 8.84 17.63
C ARG A 366 -6.44 8.46 17.66
N ALA A 367 -7.15 8.76 16.58
CA ALA A 367 -8.58 8.47 16.49
C ALA A 367 -8.87 7.34 15.50
N THR A 368 -7.88 6.47 15.31
CA THR A 368 -8.05 5.30 14.45
C THR A 368 -7.29 4.11 15.04
N ALA A 369 -6.21 4.41 15.75
CA ALA A 369 -5.43 3.39 16.47
C ALA A 369 -6.30 2.51 17.35
N ARG A 370 -6.44 1.25 16.93
CA ARG A 370 -7.20 0.22 17.64
C ARG A 370 -6.50 -1.12 17.65
N SER A 371 -6.53 -1.77 18.81
CA SER A 371 -6.04 -3.13 18.89
C SER A 371 -6.94 -4.07 18.08
N ALA A 372 -6.40 -5.25 17.78
CA ALA A 372 -7.12 -6.28 17.04
C ALA A 372 -8.49 -6.64 17.65
N PRO A 373 -8.56 -6.82 18.99
CA PRO A 373 -9.89 -7.11 19.55
C PRO A 373 -10.92 -6.01 19.30
N ASP A 374 -10.50 -4.75 19.30
CA ASP A 374 -11.42 -3.64 19.03
C ASP A 374 -11.97 -3.72 17.60
N ARG A 375 -11.07 -3.86 16.65
CA ARG A 375 -11.45 -3.98 15.24
C ARG A 375 -12.40 -5.16 15.03
N GLN A 376 -12.03 -6.30 15.62
CA GLN A 376 -12.87 -7.50 15.56
C GLN A 376 -14.27 -7.24 16.09
N GLU A 377 -14.33 -6.68 17.30
CA GLU A 377 -15.59 -6.43 17.99
C GLU A 377 -16.48 -5.44 17.25
N GLU A 378 -15.87 -4.44 16.62
CA GLU A 378 -16.67 -3.43 15.91
C GLU A 378 -17.07 -3.90 14.52
N ILE A 379 -16.31 -4.83 13.96
CA ILE A 379 -16.73 -5.48 12.71
C ILE A 379 -17.95 -6.35 13.00
N SER A 380 -17.88 -7.11 14.08
CA SER A 380 -19.02 -7.90 14.54
C SER A 380 -20.22 -6.99 14.81
N LYS A 381 -19.95 -5.86 15.45
CA LYS A 381 -20.97 -4.86 15.73
C LYS A 381 -21.60 -4.35 14.46
N LEU A 382 -20.79 -4.21 13.40
CA LEU A 382 -21.29 -3.71 12.13
C LEU A 382 -22.18 -4.75 11.46
N MET A 383 -21.79 -6.02 11.57
CA MET A 383 -22.59 -7.09 10.97
C MET A 383 -23.73 -7.52 11.88
N ARG A 384 -23.87 -6.85 13.02
CA ARG A 384 -25.09 -6.95 13.81
C ARG A 384 -26.14 -6.07 13.15
N SER A 385 -25.66 -5.05 12.45
CA SER A 385 -26.51 -4.09 11.76
C SER A 385 -26.61 -4.43 10.29
N ALA A 386 -26.05 -5.58 9.93
CA ALA A 386 -26.01 -6.03 8.55
C ALA A 386 -27.42 -6.11 7.98
N ASP A 387 -28.18 -7.12 8.42
CA ASP A 387 -29.56 -7.28 8.00
C ASP A 387 -29.67 -7.33 6.49
N PHE A 388 -28.80 -8.11 5.86
CA PHE A 388 -28.80 -8.25 4.40
C PHE A 388 -30.03 -9.01 3.93
N ASN A 389 -30.69 -9.67 4.88
CA ASN A 389 -31.87 -10.45 4.58
C ASN A 389 -33.15 -9.62 4.66
N THR A 390 -33.00 -8.31 4.89
CA THR A 390 -34.14 -7.40 4.81
C THR A 390 -33.81 -6.26 3.82
N ASP A 391 -32.64 -6.34 3.21
CA ASP A 391 -32.26 -5.42 2.14
C ASP A 391 -32.89 -5.89 0.82
N PRO A 392 -33.88 -5.12 0.32
CA PRO A 392 -34.69 -5.51 -0.83
C PRO A 392 -33.87 -5.84 -2.09
N TYR A 393 -32.72 -5.21 -2.23
CA TYR A 393 -31.88 -5.44 -3.41
C TYR A 393 -31.12 -6.75 -3.28
N VAL A 394 -30.70 -7.07 -2.06
CA VAL A 394 -30.08 -8.36 -1.80
C VAL A 394 -31.11 -9.47 -1.90
N ARG A 395 -32.31 -9.20 -1.40
CA ARG A 395 -33.42 -10.15 -1.48
C ARG A 395 -33.84 -10.41 -2.92
N GLU A 396 -33.69 -9.37 -3.74
CA GLU A 396 -34.04 -9.44 -5.16
C GLU A 396 -33.31 -10.54 -5.90
N PHE A 397 -32.03 -10.72 -5.57
CA PHE A 397 -31.20 -11.71 -6.26
C PHE A 397 -31.09 -12.99 -5.44
N GLY A 398 -31.95 -13.13 -4.44
CA GLY A 398 -32.01 -14.33 -3.62
C GLY A 398 -30.70 -14.65 -2.90
N ILE A 399 -30.16 -13.67 -2.21
CA ILE A 399 -28.89 -13.84 -1.50
C ILE A 399 -29.07 -13.72 0.01
N MET A 400 -28.36 -14.57 0.75
CA MET A 400 -28.33 -14.50 2.20
C MET A 400 -26.89 -14.36 2.68
N VAL A 401 -26.71 -13.62 3.77
CA VAL A 401 -25.39 -13.43 4.35
C VAL A 401 -25.40 -13.79 5.83
N LYS A 402 -24.42 -14.59 6.26
CA LYS A 402 -24.29 -14.96 7.66
C LYS A 402 -23.88 -13.76 8.50
N ASP A 403 -24.59 -13.52 9.59
CA ASP A 403 -24.35 -12.36 10.43
C ASP A 403 -23.25 -12.58 11.47
N GLU A 404 -22.43 -13.61 11.25
CA GLU A 404 -21.35 -13.91 12.18
C GLU A 404 -20.05 -14.22 11.44
N MET A 405 -18.93 -13.87 12.07
CA MET A 405 -17.62 -14.03 11.45
C MET A 405 -17.28 -15.49 11.19
N THR A 406 -16.44 -15.74 10.18
CA THR A 406 -16.10 -17.09 9.78
C THR A 406 -15.00 -17.71 10.63
N ASP A 407 -15.26 -18.90 11.16
CA ASP A 407 -14.28 -19.61 11.98
C ASP A 407 -13.30 -20.42 11.13
N VAL A 408 -12.07 -19.93 11.01
CA VAL A 408 -11.03 -20.65 10.29
C VAL A 408 -10.00 -21.19 11.27
N THR A 409 -9.39 -22.32 10.94
CA THR A 409 -8.36 -22.91 11.78
C THR A 409 -6.99 -22.64 11.22
N GLY A 410 -6.10 -22.11 12.06
CA GLY A 410 -4.76 -21.79 11.63
C GLY A 410 -3.71 -22.67 12.30
N ARG A 411 -2.52 -22.69 11.72
CA ARG A 411 -1.40 -23.41 12.31
C ARG A 411 -0.25 -22.44 12.53
N VAL A 412 0.26 -22.40 13.76
CA VAL A 412 1.40 -21.56 14.07
C VAL A 412 2.70 -22.32 13.78
N LEU A 413 3.35 -21.96 12.69
CA LEU A 413 4.60 -22.62 12.29
C LEU A 413 5.70 -22.38 13.32
N GLN A 414 6.52 -23.39 13.55
CA GLN A 414 7.66 -23.24 14.44
C GLN A 414 8.76 -22.43 13.74
N PRO A 415 9.28 -21.41 14.43
CA PRO A 415 10.32 -20.56 13.85
C PRO A 415 11.66 -21.28 13.73
N PRO A 416 12.49 -20.88 12.76
CA PRO A 416 13.80 -21.50 12.57
C PRO A 416 14.81 -21.05 13.61
N SER A 417 15.91 -21.79 13.74
CA SER A 417 16.98 -21.40 14.65
C SER A 417 17.97 -20.48 13.94
N ILE A 418 18.42 -19.45 14.64
CA ILE A 418 19.35 -18.48 14.07
C ILE A 418 20.78 -18.72 14.55
N LEU A 419 21.68 -18.96 13.61
CA LEU A 419 23.07 -19.28 13.97
C LEU A 419 23.97 -18.05 13.91
N TYR A 420 24.76 -17.86 14.97
CA TYR A 420 25.71 -16.75 15.01
C TYR A 420 27.15 -17.27 15.10
N GLY A 421 28.11 -16.35 14.99
CA GLY A 421 29.50 -16.72 14.92
C GLY A 421 30.31 -16.39 16.17
N GLY A 422 31.57 -16.04 15.97
CA GLY A 422 32.49 -15.80 17.06
C GLY A 422 33.10 -17.10 17.54
N ARG A 423 33.44 -17.18 18.81
CA ARG A 423 33.86 -18.44 19.41
C ARG A 423 32.78 -18.92 20.38
N ASN A 424 31.80 -18.05 20.61
CA ASN A 424 30.64 -18.39 21.42
C ASN A 424 29.69 -19.29 20.65
N LYS A 425 29.52 -18.99 19.36
CA LYS A 425 28.70 -19.78 18.45
C LYS A 425 27.27 -19.94 18.97
N ALA A 426 26.72 -18.85 19.50
CA ALA A 426 25.39 -18.89 20.12
C ALA A 426 24.28 -19.14 19.09
N ILE A 427 23.27 -19.88 19.52
CA ILE A 427 22.10 -20.14 18.69
C ILE A 427 20.87 -19.43 19.24
N ALA A 428 20.46 -18.37 18.55
CA ALA A 428 19.31 -17.58 18.96
C ALA A 428 18.00 -18.23 18.54
N THR A 429 17.03 -18.22 19.45
CA THR A 429 15.70 -18.74 19.17
C THR A 429 14.68 -17.62 19.19
N PRO A 430 14.01 -17.39 18.05
CA PRO A 430 12.97 -16.36 17.94
C PRO A 430 11.78 -16.67 18.83
N VAL A 431 11.48 -15.79 19.77
CA VAL A 431 10.28 -15.93 20.59
C VAL A 431 9.31 -14.82 20.23
N GLN A 432 8.10 -15.21 19.85
CA GLN A 432 7.08 -14.28 19.37
C GLN A 432 7.63 -13.42 18.23
N GLY A 433 8.30 -14.06 17.28
CA GLY A 433 8.80 -13.39 16.09
C GLY A 433 9.98 -12.46 16.31
N VAL A 434 10.53 -12.48 17.53
CA VAL A 434 11.61 -11.57 17.88
C VAL A 434 12.71 -12.28 18.68
N TRP A 435 13.97 -12.08 18.28
CA TRP A 435 15.09 -12.51 19.12
C TRP A 435 16.06 -11.34 19.34
N ASP A 436 17.21 -11.64 19.94
CA ASP A 436 18.06 -10.59 20.49
C ASP A 436 19.49 -10.60 19.93
N MET A 437 20.12 -9.42 19.95
CA MET A 437 21.49 -9.27 19.47
C MET A 437 22.44 -9.04 20.65
N ARG A 438 22.23 -9.79 21.72
CA ARG A 438 23.06 -9.67 22.92
C ARG A 438 23.75 -11.00 23.25
N ASN A 439 25.00 -10.90 23.70
CA ASN A 439 25.86 -12.07 23.93
C ASN A 439 26.01 -12.92 22.67
N LYS A 440 25.90 -12.27 21.52
CA LYS A 440 26.04 -12.94 20.23
C LYS A 440 26.92 -12.12 19.29
N GLN A 441 27.76 -12.80 18.52
CA GLN A 441 28.62 -12.14 17.56
C GLN A 441 28.22 -12.55 16.14
N PHE A 442 28.53 -11.68 15.17
CA PHE A 442 28.19 -11.94 13.77
C PHE A 442 28.76 -13.27 13.27
N HIS A 443 28.04 -13.92 12.37
CA HIS A 443 28.49 -15.16 11.75
C HIS A 443 29.81 -14.91 11.02
N THR A 444 29.87 -13.80 10.31
CA THR A 444 31.08 -13.37 9.63
C THR A 444 31.26 -11.87 9.80
N GLY A 445 32.04 -11.48 10.81
CA GLY A 445 32.22 -10.08 11.14
C GLY A 445 33.33 -9.41 10.36
N ILE A 446 33.10 -8.15 9.98
CA ILE A 446 34.07 -7.38 9.21
C ILE A 446 34.95 -6.52 10.11
N GLU A 447 36.23 -6.46 9.81
CA GLU A 447 37.15 -5.56 10.50
C GLU A 447 37.22 -4.21 9.80
N ILE A 448 36.69 -3.17 10.46
CA ILE A 448 36.80 -1.82 9.92
C ILE A 448 38.13 -1.21 10.33
N LYS A 449 39.08 -1.20 9.39
CA LYS A 449 40.41 -0.65 9.65
C LYS A 449 40.50 0.81 9.21
N VAL A 450 39.84 1.15 8.12
CA VAL A 450 39.86 2.52 7.61
C VAL A 450 38.45 3.02 7.30
N TRP A 451 38.05 4.09 7.98
CA TRP A 451 36.73 4.68 7.76
C TRP A 451 36.73 6.19 8.03
N ALA A 452 35.75 6.89 7.48
CA ALA A 452 35.70 8.35 7.61
C ALA A 452 34.35 8.85 8.10
N ILE A 453 34.31 10.13 8.47
CA ILE A 453 33.10 10.77 8.98
C ILE A 453 32.88 12.13 8.33
N ALA A 454 31.84 12.21 7.50
CA ALA A 454 31.44 13.46 6.88
C ALA A 454 30.17 13.96 7.54
N CYS A 455 30.29 15.01 8.36
CA CYS A 455 29.13 15.55 9.04
C CYS A 455 28.52 16.72 8.26
N PHE A 456 27.36 16.48 7.66
CA PHE A 456 26.66 17.52 6.92
C PHE A 456 25.68 18.28 7.80
N ALA A 457 25.68 17.93 9.08
CA ALA A 457 24.89 18.66 10.06
C ALA A 457 25.66 19.88 10.53
N PRO A 458 24.95 20.96 10.89
CA PRO A 458 25.61 22.16 11.41
C PRO A 458 26.49 21.85 12.62
N GLN A 459 27.72 22.34 12.59
CA GLN A 459 28.72 22.06 13.62
C GLN A 459 28.23 22.42 15.02
N ARG A 460 27.41 23.46 15.10
CA ARG A 460 26.88 23.92 16.38
C ARG A 460 25.95 22.90 17.03
N GLN A 461 25.21 22.16 16.21
CA GLN A 461 24.23 21.20 16.73
C GLN A 461 24.83 19.81 16.90
N CYS A 462 25.78 19.46 16.04
CA CYS A 462 26.47 18.18 16.14
C CYS A 462 27.95 18.43 16.43
N THR A 463 28.25 18.70 17.70
CA THR A 463 29.59 19.14 18.11
C THR A 463 30.63 18.01 18.10
N GLU A 464 31.84 18.36 18.51
CA GLU A 464 32.96 17.41 18.50
C GLU A 464 32.86 16.40 19.63
N VAL A 465 32.33 16.84 20.77
CA VAL A 465 32.15 15.93 21.91
C VAL A 465 31.08 14.89 21.58
N HIS A 466 30.05 15.33 20.85
CA HIS A 466 29.02 14.42 20.36
C HIS A 466 29.65 13.35 19.47
N LEU A 467 30.43 13.77 18.49
CA LEU A 467 31.07 12.85 17.56
C LEU A 467 32.02 11.90 18.27
N LYS A 468 32.78 12.41 19.23
CA LYS A 468 33.74 11.59 19.96
C LYS A 468 33.02 10.52 20.79
N SER A 469 32.03 10.94 21.56
CA SER A 469 31.26 10.02 22.39
C SER A 469 30.56 8.97 21.53
N PHE A 470 29.94 9.43 20.44
CA PHE A 470 29.28 8.56 19.48
C PHE A 470 30.24 7.52 18.92
N THR A 471 31.47 7.95 18.63
CA THR A 471 32.51 7.05 18.14
C THR A 471 32.86 6.00 19.19
N GLU A 472 33.07 6.44 20.43
CA GLU A 472 33.37 5.53 21.53
C GLU A 472 32.31 4.45 21.66
N GLN A 473 31.07 4.88 21.84
CA GLN A 473 29.94 3.97 22.03
C GLN A 473 29.77 3.02 20.84
N LEU A 474 29.85 3.57 19.63
CA LEU A 474 29.71 2.77 18.42
C LEU A 474 30.79 1.69 18.36
N ARG A 475 32.02 2.07 18.71
CA ARG A 475 33.12 1.12 18.71
C ARG A 475 32.93 0.05 19.78
N LYS A 476 32.31 0.42 20.90
CA LYS A 476 32.00 -0.57 21.93
C LYS A 476 30.99 -1.60 21.42
N ILE A 477 29.85 -1.09 20.94
CA ILE A 477 28.78 -1.93 20.43
C ILE A 477 29.27 -2.85 19.31
N SER A 478 30.02 -2.28 18.38
CA SER A 478 30.55 -3.04 17.26
C SER A 478 31.59 -4.05 17.70
N ARG A 479 32.34 -3.71 18.76
CA ARG A 479 33.33 -4.63 19.30
C ARG A 479 32.65 -5.85 19.90
N ASP A 480 31.55 -5.62 20.61
CA ASP A 480 30.79 -6.73 21.19
C ASP A 480 30.02 -7.50 20.13
N ALA A 481 29.76 -6.84 19.00
CA ALA A 481 28.96 -7.44 17.94
C ALA A 481 29.80 -8.39 17.07
N GLY A 482 31.12 -8.30 17.20
CA GLY A 482 32.01 -9.12 16.40
C GLY A 482 32.47 -8.38 15.15
N MET A 483 32.15 -7.09 15.09
CA MET A 483 32.57 -6.24 13.98
C MET A 483 33.48 -5.14 14.52
N PRO A 484 34.73 -5.50 14.86
CA PRO A 484 35.61 -4.56 15.58
C PRO A 484 36.02 -3.35 14.73
N ILE A 485 35.60 -2.17 15.17
CA ILE A 485 36.12 -0.92 14.62
C ILE A 485 37.42 -0.63 15.35
N GLN A 486 38.54 -0.88 14.67
CA GLN A 486 39.86 -0.88 15.31
C GLN A 486 40.32 0.50 15.77
N GLY A 487 40.54 1.39 14.82
CA GLY A 487 41.09 2.70 15.15
C GLY A 487 40.08 3.84 15.04
N GLN A 488 40.54 5.04 15.36
CA GLN A 488 39.74 6.24 15.20
C GLN A 488 39.53 6.53 13.72
N PRO A 489 38.49 7.30 13.38
CA PRO A 489 38.30 7.66 11.97
C PRO A 489 39.48 8.48 11.44
N CYS A 490 40.06 8.03 10.34
CA CYS A 490 41.22 8.68 9.74
C CYS A 490 40.88 10.06 9.18
N PHE A 491 39.59 10.37 9.19
CA PHE A 491 39.06 11.59 8.59
C PHE A 491 37.72 11.89 9.26
N CYS A 492 37.54 13.14 9.68
CA CYS A 492 36.29 13.57 10.28
C CYS A 492 36.10 15.07 10.09
N LYS A 493 35.33 15.46 9.07
CA LYS A 493 35.17 16.89 8.78
C LYS A 493 33.71 17.29 8.59
N TYR A 494 33.46 18.59 8.69
CA TYR A 494 32.12 19.15 8.49
C TYR A 494 31.93 19.63 7.07
N ALA A 495 30.71 19.48 6.56
CA ALA A 495 30.37 19.94 5.22
C ALA A 495 28.94 20.49 5.19
N GLN A 496 28.57 21.08 4.05
CA GLN A 496 27.24 21.65 3.91
C GLN A 496 26.78 21.53 2.45
N GLY A 497 25.48 21.34 2.26
CA GLY A 497 24.91 21.28 0.92
C GLY A 497 25.28 20.04 0.12
N ALA A 498 24.48 19.73 -0.90
CA ALA A 498 24.69 18.55 -1.71
C ALA A 498 25.90 18.70 -2.63
N ASP A 499 26.18 19.93 -3.05
CA ASP A 499 27.25 20.20 -4.00
C ASP A 499 28.63 19.85 -3.44
N SER A 500 28.71 19.67 -2.13
CA SER A 500 29.97 19.32 -1.50
C SER A 500 30.19 17.81 -1.44
N VAL A 501 29.14 17.05 -1.71
CA VAL A 501 29.19 15.59 -1.60
C VAL A 501 30.22 14.97 -2.52
N GLU A 502 30.04 15.15 -3.84
CA GLU A 502 30.90 14.50 -4.82
C GLU A 502 32.39 14.90 -4.72
N PRO A 503 32.69 16.22 -4.62
CA PRO A 503 34.12 16.55 -4.49
C PRO A 503 34.74 15.99 -3.22
N MET A 504 33.94 15.83 -2.16
CA MET A 504 34.44 15.30 -0.90
C MET A 504 34.78 13.83 -1.01
N PHE A 505 33.81 13.03 -1.45
CA PHE A 505 33.99 11.58 -1.57
C PHE A 505 35.15 11.25 -2.50
N ARG A 506 35.25 11.98 -3.63
CA ARG A 506 36.36 11.80 -4.56
C ARG A 506 37.69 12.03 -3.87
N HIS A 507 37.72 12.97 -2.94
CA HIS A 507 38.93 13.24 -2.17
C HIS A 507 39.21 12.09 -1.20
N LEU A 508 38.15 11.53 -0.63
CA LEU A 508 38.29 10.46 0.34
C LEU A 508 38.80 9.18 -0.29
N LYS A 509 38.24 8.84 -1.45
CA LYS A 509 38.58 7.61 -2.15
C LYS A 509 40.01 7.65 -2.69
N ASN A 510 40.47 8.86 -3.04
CA ASN A 510 41.80 9.02 -3.61
C ASN A 510 42.91 9.10 -2.57
N THR A 511 42.59 9.67 -1.41
CA THR A 511 43.58 9.91 -0.36
C THR A 511 43.86 8.68 0.49
N TYR A 512 42.82 8.13 1.10
CA TYR A 512 42.99 7.09 2.10
C TYR A 512 42.92 5.68 1.53
N ALA A 513 44.02 4.94 1.67
CA ALA A 513 44.12 3.59 1.15
C ALA A 513 43.31 2.60 1.98
N GLY A 514 42.48 1.81 1.32
CA GLY A 514 41.68 0.80 1.98
C GLY A 514 40.46 1.37 2.68
N LEU A 515 39.96 2.50 2.18
CA LEU A 515 38.78 3.13 2.77
C LEU A 515 37.56 2.23 2.60
N GLN A 516 37.03 1.75 3.72
CA GLN A 516 35.92 0.81 3.71
C GLN A 516 34.57 1.50 3.78
N LEU A 517 34.43 2.41 4.73
CA LEU A 517 33.13 3.03 5.02
C LEU A 517 33.22 4.53 5.28
N VAL A 518 32.17 5.24 4.87
CA VAL A 518 32.02 6.64 5.23
C VAL A 518 30.72 6.83 6.01
N VAL A 519 30.83 7.26 7.27
CA VAL A 519 29.64 7.54 8.07
C VAL A 519 29.19 8.98 7.85
N VAL A 520 27.94 9.14 7.41
CA VAL A 520 27.43 10.45 7.05
C VAL A 520 26.36 10.94 8.02
N ILE A 521 26.68 11.97 8.79
CA ILE A 521 25.72 12.55 9.72
C ILE A 521 24.86 13.57 8.99
N LEU A 522 23.54 13.41 9.10
CA LEU A 522 22.62 14.29 8.40
C LEU A 522 21.67 15.01 9.35
N PRO A 523 21.37 16.29 9.05
CA PRO A 523 20.46 17.12 9.85
C PRO A 523 19.01 16.97 9.45
N GLY A 524 18.51 15.73 9.44
CA GLY A 524 17.14 15.48 9.03
C GLY A 524 17.00 15.30 7.54
N LYS A 525 15.84 15.65 7.00
CA LYS A 525 15.58 15.49 5.57
C LYS A 525 16.38 16.48 4.74
N THR A 526 17.20 15.95 3.83
CA THR A 526 18.03 16.78 2.96
C THR A 526 18.24 16.12 1.60
N PRO A 527 18.42 16.93 0.55
CA PRO A 527 18.85 16.42 -0.76
C PRO A 527 20.24 15.81 -0.68
N VAL A 528 20.94 16.14 0.40
CA VAL A 528 22.26 15.60 0.67
C VAL A 528 22.23 14.07 0.73
N TYR A 529 21.17 13.52 1.29
CA TYR A 529 21.02 12.06 1.36
C TYR A 529 21.04 11.44 -0.03
N ALA A 530 20.15 11.94 -0.89
CA ALA A 530 20.04 11.44 -2.25
C ALA A 530 21.34 11.63 -3.03
N GLU A 531 22.02 12.75 -2.81
CA GLU A 531 23.29 12.99 -3.47
C GLU A 531 24.38 12.03 -3.00
N VAL A 532 24.35 11.74 -1.70
CA VAL A 532 25.32 10.86 -1.08
C VAL A 532 25.13 9.44 -1.60
N LYS A 533 23.88 9.02 -1.75
CA LYS A 533 23.58 7.70 -2.28
C LYS A 533 23.89 7.61 -3.77
N ARG A 534 23.62 8.69 -4.50
CA ARG A 534 23.90 8.73 -5.94
C ARG A 534 25.40 8.61 -6.19
N VAL A 535 26.17 9.53 -5.60
CA VAL A 535 27.62 9.54 -5.73
C VAL A 535 28.25 8.25 -5.21
N GLY A 536 27.88 7.88 -3.99
CA GLY A 536 28.44 6.71 -3.34
C GLY A 536 28.16 5.40 -4.04
N ASP A 537 26.94 5.21 -4.51
CA ASP A 537 26.55 3.92 -5.08
C ASP A 537 26.81 3.82 -6.58
N THR A 538 26.54 4.90 -7.32
CA THR A 538 26.59 4.82 -8.78
C THR A 538 27.82 5.48 -9.40
N VAL A 539 28.39 6.45 -8.70
CA VAL A 539 29.51 7.20 -9.25
C VAL A 539 30.88 6.65 -8.81
N LEU A 540 31.05 6.46 -7.51
CA LEU A 540 32.37 6.11 -6.98
C LEU A 540 32.45 4.71 -6.37
N GLY A 541 31.31 4.13 -6.02
CA GLY A 541 31.29 2.79 -5.47
C GLY A 541 31.87 2.71 -4.07
N MET A 542 31.30 3.48 -3.15
CA MET A 542 31.80 3.55 -1.79
C MET A 542 30.70 3.24 -0.78
N ALA A 543 31.00 2.37 0.17
CA ALA A 543 30.05 2.04 1.23
C ALA A 543 29.67 3.29 2.02
N THR A 544 28.41 3.35 2.45
CA THR A 544 27.89 4.55 3.09
C THR A 544 26.86 4.23 4.16
N GLN A 545 27.04 4.82 5.34
CA GLN A 545 26.02 4.75 6.37
C GLN A 545 25.62 6.14 6.85
N CYS A 546 24.39 6.54 6.51
CA CYS A 546 23.88 7.84 6.94
C CYS A 546 23.24 7.72 8.32
N VAL A 547 23.45 8.73 9.15
CA VAL A 547 22.89 8.73 10.49
C VAL A 547 22.30 10.10 10.82
N GLN A 548 21.07 10.11 11.32
CA GLN A 548 20.45 11.35 11.78
C GLN A 548 21.23 11.94 12.94
N MET A 549 21.34 13.25 12.97
CA MET A 549 22.12 13.94 13.98
C MET A 549 21.56 13.71 15.39
N LYS A 550 20.25 13.52 15.49
CA LYS A 550 19.61 13.31 16.79
C LYS A 550 20.03 11.95 17.36
N ASN A 551 20.45 11.05 16.49
CA ASN A 551 20.93 9.75 16.91
C ASN A 551 22.42 9.79 17.20
N VAL A 552 23.03 10.94 16.97
CA VAL A 552 24.43 11.16 17.28
C VAL A 552 24.55 11.97 18.57
N GLN A 553 23.62 12.90 18.75
CA GLN A 553 23.58 13.72 19.96
C GLN A 553 23.33 12.87 21.19
N ARG A 554 22.53 11.83 21.02
CA ARG A 554 22.21 10.92 22.11
C ARG A 554 22.42 9.47 21.71
N THR A 555 23.14 8.74 22.56
CA THR A 555 23.51 7.36 22.27
C THR A 555 22.45 6.37 22.74
N THR A 556 22.12 5.41 21.87
CA THR A 556 21.26 4.30 22.23
C THR A 556 21.85 2.98 21.73
N PRO A 557 22.12 2.05 22.66
CA PRO A 557 22.71 0.74 22.32
C PRO A 557 21.91 -0.02 21.27
N GLN A 558 20.59 0.12 21.29
CA GLN A 558 19.72 -0.52 20.30
C GLN A 558 19.99 0.04 18.91
N THR A 559 19.93 1.38 18.81
CA THR A 559 20.15 2.09 17.56
C THR A 559 21.54 1.78 17.00
N LEU A 560 22.54 1.82 17.87
CA LEU A 560 23.90 1.50 17.47
C LEU A 560 24.02 0.05 17.02
N SER A 561 23.25 -0.84 17.64
CA SER A 561 23.26 -2.25 17.29
C SER A 561 22.75 -2.45 15.86
N ASN A 562 21.55 -1.92 15.59
CA ASN A 562 20.98 -2.00 14.25
C ASN A 562 21.89 -1.35 13.20
N LEU A 563 22.48 -0.22 13.59
CA LEU A 563 23.49 0.44 12.79
C LEU A 563 24.60 -0.54 12.42
N CYS A 564 25.10 -1.27 13.41
CA CYS A 564 26.15 -2.24 13.20
C CYS A 564 25.71 -3.38 12.29
N LEU A 565 24.44 -3.75 12.38
CA LEU A 565 23.89 -4.74 11.45
C LEU A 565 24.04 -4.25 10.01
N LYS A 566 23.51 -3.05 9.76
CA LYS A 566 23.56 -2.47 8.42
C LYS A 566 24.99 -2.28 7.91
N ILE A 567 25.88 -1.81 8.79
CA ILE A 567 27.27 -1.61 8.43
C ILE A 567 27.96 -2.92 8.07
N ASN A 568 27.76 -3.94 8.91
CA ASN A 568 28.36 -5.24 8.68
C ASN A 568 27.91 -5.84 7.36
N VAL A 569 26.61 -5.73 7.08
CA VAL A 569 26.07 -6.22 5.82
C VAL A 569 26.63 -5.45 4.63
N LYS A 570 26.69 -4.14 4.75
CA LYS A 570 27.18 -3.26 3.68
C LYS A 570 28.66 -3.48 3.35
N LEU A 571 29.41 -4.05 4.28
CA LEU A 571 30.84 -4.22 4.08
C LEU A 571 31.19 -5.64 3.64
N GLY A 572 30.17 -6.46 3.41
CA GLY A 572 30.38 -7.80 2.88
C GLY A 572 30.41 -8.89 3.93
N GLY A 573 29.82 -8.63 5.08
CA GLY A 573 29.80 -9.61 6.16
C GLY A 573 28.49 -10.36 6.24
N VAL A 574 28.47 -11.41 7.07
CA VAL A 574 27.25 -12.17 7.30
C VAL A 574 26.84 -12.08 8.76
N ASN A 575 25.68 -11.49 9.01
CA ASN A 575 25.19 -11.32 10.37
C ASN A 575 24.84 -12.65 11.02
N ASN A 576 24.01 -13.43 10.35
CA ASN A 576 23.57 -14.72 10.84
C ASN A 576 23.06 -15.60 9.72
N ILE A 577 22.99 -16.91 9.97
CA ILE A 577 22.45 -17.84 8.98
C ILE A 577 21.40 -18.76 9.62
N LEU A 578 20.47 -19.22 8.80
CA LEU A 578 19.53 -20.25 9.23
C LEU A 578 20.30 -21.51 9.59
N LEU A 579 19.93 -22.15 10.69
CA LEU A 579 20.54 -23.40 11.09
C LEU A 579 20.30 -24.45 10.00
N PRO A 580 21.38 -24.89 9.33
CA PRO A 580 21.32 -25.78 8.18
C PRO A 580 20.53 -27.06 8.45
N GLN A 581 20.62 -27.55 9.69
CA GLN A 581 19.89 -28.74 10.09
C GLN A 581 18.39 -28.45 10.15
N GLY A 582 18.06 -27.21 10.47
CA GLY A 582 16.67 -26.79 10.57
C GLY A 582 16.20 -26.07 9.32
N ARG A 583 16.29 -26.75 8.19
CA ARG A 583 15.84 -26.21 6.91
C ARG A 583 15.11 -27.28 6.10
N PRO A 584 14.13 -26.86 5.28
CA PRO A 584 13.46 -27.78 4.37
C PRO A 584 14.45 -28.44 3.40
N PRO A 585 14.11 -29.64 2.89
CA PRO A 585 15.02 -30.40 2.03
C PRO A 585 15.34 -29.73 0.70
N VAL A 586 14.75 -28.56 0.45
CA VAL A 586 15.03 -27.79 -0.77
C VAL A 586 16.51 -27.49 -0.89
N PHE A 587 17.16 -27.30 0.25
CA PHE A 587 18.57 -26.95 0.29
C PHE A 587 19.49 -28.15 0.08
N GLN A 588 18.92 -29.33 -0.14
CA GLN A 588 19.74 -30.51 -0.43
C GLN A 588 20.40 -30.39 -1.80
N GLN A 589 19.91 -29.45 -2.59
CA GLN A 589 20.46 -29.17 -3.91
C GLN A 589 20.67 -27.66 -4.06
N PRO A 590 21.56 -27.24 -4.98
CA PRO A 590 21.75 -25.81 -5.26
C PRO A 590 20.45 -25.11 -5.64
N VAL A 591 20.12 -24.04 -4.93
CA VAL A 591 18.89 -23.30 -5.16
C VAL A 591 19.12 -21.80 -5.04
N ILE A 592 18.52 -21.04 -5.95
CA ILE A 592 18.62 -19.58 -5.90
C ILE A 592 17.27 -18.98 -5.51
N PHE A 593 17.30 -17.93 -4.69
CA PHE A 593 16.08 -17.27 -4.25
C PHE A 593 15.98 -15.88 -4.83
N LEU A 594 14.96 -15.65 -5.65
CA LEU A 594 14.78 -14.36 -6.30
C LEU A 594 13.66 -13.56 -5.67
N GLY A 595 13.83 -12.24 -5.66
CA GLY A 595 12.79 -11.32 -5.24
C GLY A 595 12.62 -10.29 -6.33
N ALA A 596 11.40 -9.79 -6.50
CA ALA A 596 11.13 -8.83 -7.56
C ALA A 596 10.02 -7.87 -7.17
N ASP A 597 10.24 -6.58 -7.44
CA ASP A 597 9.22 -5.58 -7.12
C ASP A 597 9.31 -4.40 -8.08
N VAL A 598 8.16 -3.85 -8.45
CA VAL A 598 8.11 -2.71 -9.34
C VAL A 598 7.37 -1.56 -8.66
N THR A 599 7.96 -0.37 -8.65
CA THR A 599 7.24 0.79 -8.15
C THR A 599 6.97 1.80 -9.26
N HIS A 600 5.86 2.52 -9.10
CA HIS A 600 5.35 3.41 -10.12
C HIS A 600 5.22 4.84 -9.60
N PRO A 601 5.40 5.82 -10.50
CA PRO A 601 5.15 7.24 -10.22
C PRO A 601 3.65 7.53 -10.20
N PRO A 602 3.25 8.74 -9.76
CA PRO A 602 1.82 9.09 -9.82
C PRO A 602 1.26 8.96 -11.23
N ALA A 603 -0.01 8.57 -11.33
CA ALA A 603 -0.63 8.25 -12.61
C ALA A 603 -0.87 9.45 -13.50
N GLY A 604 -0.92 10.64 -12.90
CA GLY A 604 -1.37 11.81 -13.61
C GLY A 604 -0.39 12.52 -14.53
N ASP A 605 0.90 12.19 -14.45
CA ASP A 605 1.89 13.05 -15.09
C ASP A 605 3.13 12.39 -15.73
N GLY A 606 3.70 13.10 -16.69
CA GLY A 606 5.07 12.92 -17.15
C GLY A 606 5.51 11.61 -17.80
N LYS A 607 6.75 11.65 -18.30
CA LYS A 607 7.41 10.47 -18.86
C LYS A 607 8.03 9.64 -17.74
N LYS A 608 7.70 10.01 -16.50
CA LYS A 608 8.22 9.35 -15.31
C LYS A 608 8.04 7.84 -15.42
N PRO A 609 9.17 7.12 -15.49
CA PRO A 609 9.17 5.67 -15.74
C PRO A 609 8.92 4.86 -14.47
N SER A 610 8.41 3.65 -14.64
CA SER A 610 8.30 2.75 -13.50
C SER A 610 9.63 2.05 -13.34
N ILE A 611 10.04 1.77 -12.11
CA ILE A 611 11.32 1.10 -11.91
C ILE A 611 11.13 -0.29 -11.31
N ALA A 612 11.86 -1.23 -11.88
CA ALA A 612 11.79 -2.63 -11.46
C ALA A 612 13.10 -3.08 -10.85
N ALA A 613 13.00 -3.75 -9.70
CA ALA A 613 14.17 -4.27 -9.01
C ALA A 613 14.04 -5.78 -8.83
N VAL A 614 15.13 -6.48 -9.12
CA VAL A 614 15.18 -7.93 -8.93
C VAL A 614 16.44 -8.33 -8.18
N VAL A 615 16.27 -8.98 -7.03
CA VAL A 615 17.41 -9.43 -6.25
C VAL A 615 17.50 -10.96 -6.27
N GLY A 616 18.68 -11.47 -5.96
CA GLY A 616 18.88 -12.92 -5.95
C GLY A 616 19.92 -13.36 -4.94
N SER A 617 19.67 -14.50 -4.29
CA SER A 617 20.58 -15.06 -3.31
C SER A 617 21.91 -15.43 -3.97
N MET A 618 22.99 -15.38 -3.18
CA MET A 618 24.32 -15.65 -3.71
C MET A 618 25.05 -16.73 -2.90
N ASP A 619 24.33 -17.35 -1.97
CA ASP A 619 24.88 -18.46 -1.20
C ASP A 619 23.79 -19.46 -0.86
N ALA A 620 24.19 -20.60 -0.32
CA ALA A 620 23.24 -21.65 0.03
C ALA A 620 22.81 -21.57 1.49
N HIS A 621 22.78 -20.36 2.04
CA HIS A 621 22.40 -20.19 3.43
C HIS A 621 20.87 -20.00 3.60
N PRO A 622 20.24 -19.07 2.86
CA PRO A 622 20.72 -18.00 1.97
C PRO A 622 20.71 -16.64 2.68
N ASN A 623 21.85 -15.97 2.72
CA ASN A 623 21.94 -14.68 3.40
C ASN A 623 22.29 -13.54 2.48
N ARG A 624 23.31 -13.74 1.65
CA ARG A 624 23.81 -12.68 0.77
C ARG A 624 22.96 -12.56 -0.49
N TYR A 625 22.67 -11.32 -0.89
CA TYR A 625 21.87 -11.06 -2.09
C TYR A 625 22.51 -10.02 -3.01
N CYS A 626 22.36 -10.22 -4.31
CA CYS A 626 22.77 -9.23 -5.30
C CYS A 626 21.55 -8.56 -5.90
N ALA A 627 21.71 -7.31 -6.34
CA ALA A 627 20.57 -6.52 -6.82
C ALA A 627 20.73 -6.10 -8.28
N THR A 628 19.61 -6.04 -8.99
CA THR A 628 19.58 -5.53 -10.35
C THR A 628 18.42 -4.55 -10.52
N VAL A 629 18.67 -3.43 -11.20
CA VAL A 629 17.65 -2.41 -11.39
C VAL A 629 17.42 -2.12 -12.87
N ARG A 630 16.17 -1.83 -13.23
CA ARG A 630 15.82 -1.46 -14.60
C ARG A 630 14.77 -0.36 -14.64
N VAL A 631 14.95 0.57 -15.57
CA VAL A 631 13.96 1.60 -15.84
C VAL A 631 13.06 1.15 -16.99
N GLN A 632 11.76 1.16 -16.77
CA GLN A 632 10.83 0.71 -17.80
C GLN A 632 9.62 1.64 -17.96
N GLN A 633 8.81 1.35 -18.97
CA GLN A 633 7.69 2.21 -19.38
C GLN A 633 6.82 2.69 -18.23
N HIS A 634 6.25 3.86 -18.40
CA HIS A 634 5.39 4.49 -17.40
C HIS A 634 4.20 3.62 -17.04
N ARG A 635 4.10 3.28 -15.76
CA ARG A 635 2.96 2.56 -15.21
C ARG A 635 2.73 1.20 -15.85
N GLN A 636 3.77 0.38 -15.90
CA GLN A 636 3.61 -0.98 -16.42
C GLN A 636 4.05 -2.01 -15.38
N GLU A 637 3.08 -2.60 -14.70
CA GLU A 637 3.34 -3.61 -13.68
C GLU A 637 3.75 -4.93 -14.32
N ILE A 638 4.92 -4.92 -14.96
CA ILE A 638 5.48 -6.12 -15.58
C ILE A 638 6.94 -5.86 -15.94
N ILE A 639 7.80 -6.83 -15.59
CA ILE A 639 9.23 -6.66 -15.82
C ILE A 639 9.60 -7.15 -17.21
N GLN A 640 10.16 -6.27 -18.02
CA GLN A 640 10.42 -6.57 -19.43
C GLN A 640 11.84 -7.07 -19.64
N ASP A 641 12.80 -6.43 -19.00
CA ASP A 641 14.21 -6.81 -19.13
C ASP A 641 14.56 -7.94 -18.16
N LEU A 642 13.54 -8.61 -17.66
CA LEU A 642 13.72 -9.64 -16.62
C LEU A 642 14.69 -10.75 -17.03
N ALA A 643 14.69 -11.11 -18.30
CA ALA A 643 15.56 -12.18 -18.80
C ALA A 643 17.02 -11.85 -18.55
N ALA A 644 17.42 -10.65 -18.95
CA ALA A 644 18.80 -10.18 -18.78
C ALA A 644 19.19 -10.11 -17.30
N MET A 645 18.27 -9.62 -16.47
CA MET A 645 18.52 -9.45 -15.05
C MET A 645 18.72 -10.80 -14.35
N VAL A 646 17.80 -11.72 -14.62
CA VAL A 646 17.90 -13.08 -14.10
C VAL A 646 19.17 -13.76 -14.60
N ARG A 647 19.53 -13.50 -15.85
CA ARG A 647 20.79 -14.02 -16.40
C ARG A 647 21.98 -13.54 -15.59
N GLU A 648 22.00 -12.23 -15.31
CA GLU A 648 23.07 -11.63 -14.51
C GLU A 648 23.15 -12.25 -13.12
N LEU A 649 21.99 -12.40 -12.47
CA LEU A 649 21.93 -12.97 -11.13
C LEU A 649 22.43 -14.42 -11.11
N LEU A 650 22.04 -15.19 -12.13
CA LEU A 650 22.48 -16.58 -12.27
C LEU A 650 23.99 -16.66 -12.48
N ILE A 651 24.52 -15.77 -13.32
CA ILE A 651 25.96 -15.71 -13.58
C ILE A 651 26.72 -15.39 -12.29
N GLN A 652 26.20 -14.45 -11.52
CA GLN A 652 26.81 -14.11 -10.23
C GLN A 652 26.75 -15.31 -9.28
N PHE A 653 25.65 -16.05 -9.34
CA PHE A 653 25.48 -17.24 -8.49
C PHE A 653 26.54 -18.29 -8.85
N TYR A 654 26.77 -18.48 -10.14
CA TYR A 654 27.78 -19.41 -10.60
C TYR A 654 29.18 -18.92 -10.24
N LYS A 655 29.38 -17.61 -10.21
CA LYS A 655 30.66 -17.05 -9.82
C LYS A 655 30.92 -17.22 -8.33
N SER A 656 29.84 -17.23 -7.55
CA SER A 656 29.95 -17.35 -6.10
C SER A 656 30.05 -18.80 -5.63
N THR A 657 28.98 -19.55 -5.82
CA THR A 657 28.89 -20.92 -5.34
C THR A 657 29.68 -21.91 -6.19
N ARG A 658 30.00 -21.49 -7.42
CA ARG A 658 30.61 -22.37 -8.42
C ARG A 658 29.69 -23.54 -8.76
N PHE A 659 28.39 -23.30 -8.63
CA PHE A 659 27.38 -24.28 -8.99
C PHE A 659 26.26 -23.63 -9.79
N LYS A 660 25.45 -24.44 -10.45
CA LYS A 660 24.28 -23.96 -11.16
C LYS A 660 23.03 -24.30 -10.36
N PRO A 661 22.14 -23.32 -10.14
CA PRO A 661 20.90 -23.55 -9.39
C PRO A 661 20.01 -24.60 -10.04
N THR A 662 19.73 -25.68 -9.31
CA THR A 662 18.85 -26.72 -9.81
C THR A 662 17.39 -26.31 -9.63
N ARG A 663 17.17 -25.31 -8.76
CA ARG A 663 15.83 -24.79 -8.54
C ARG A 663 15.85 -23.26 -8.46
N ILE A 664 14.74 -22.64 -8.83
CA ILE A 664 14.60 -21.19 -8.76
C ILE A 664 13.33 -20.80 -8.01
N ILE A 665 13.49 -20.32 -6.78
CA ILE A 665 12.34 -19.87 -5.99
C ILE A 665 12.16 -18.36 -6.16
N PHE A 666 11.15 -17.99 -6.92
CA PHE A 666 10.95 -16.61 -7.35
C PHE A 666 9.75 -15.97 -6.65
N TYR A 667 10.02 -15.08 -5.70
CA TYR A 667 8.98 -14.30 -5.04
C TYR A 667 8.78 -12.95 -5.72
N ARG A 668 7.55 -12.64 -6.09
CA ARG A 668 7.27 -11.37 -6.73
C ARG A 668 6.17 -10.61 -5.99
N ALA A 669 6.40 -9.33 -5.75
CA ALA A 669 5.44 -8.50 -5.03
C ALA A 669 4.81 -7.44 -5.95
N GLY A 670 3.62 -6.99 -5.59
CA GLY A 670 2.96 -5.91 -6.30
C GLY A 670 1.86 -6.34 -7.25
N VAL A 671 2.01 -7.54 -7.82
CA VAL A 671 1.07 -8.03 -8.82
C VAL A 671 -0.29 -8.39 -8.20
N SER A 672 -1.35 -7.82 -8.76
CA SER A 672 -2.71 -8.12 -8.31
C SER A 672 -3.28 -9.32 -9.07
N GLU A 673 -4.46 -9.78 -8.65
CA GLU A 673 -5.08 -10.97 -9.21
C GLU A 673 -5.27 -10.91 -10.73
N GLY A 674 -5.98 -9.88 -11.19
CA GLY A 674 -6.31 -9.73 -12.60
C GLY A 674 -5.12 -9.60 -13.52
N GLN A 675 -3.93 -9.52 -12.94
CA GLN A 675 -2.71 -9.35 -13.71
C GLN A 675 -1.95 -10.67 -13.85
N PHE A 676 -2.32 -11.64 -13.02
CA PHE A 676 -1.65 -12.95 -12.97
C PHE A 676 -1.35 -13.50 -14.35
N GLN A 677 -2.39 -13.92 -15.05
CA GLN A 677 -2.27 -14.46 -16.42
C GLN A 677 -1.33 -13.65 -17.29
N GLN A 678 -1.38 -12.32 -17.17
CA GLN A 678 -0.48 -11.47 -17.93
C GLN A 678 0.96 -11.67 -17.46
N VAL A 679 1.22 -11.33 -16.21
CA VAL A 679 2.56 -11.42 -15.63
C VAL A 679 3.16 -12.80 -15.83
N LEU A 680 2.49 -13.82 -15.30
CA LEU A 680 2.93 -15.21 -15.43
C LEU A 680 3.26 -15.59 -16.87
N HIS A 681 2.60 -14.96 -17.83
CA HIS A 681 2.87 -15.28 -19.22
C HIS A 681 4.26 -14.81 -19.64
N HIS A 682 4.56 -13.56 -19.36
CA HIS A 682 5.80 -12.96 -19.85
C HIS A 682 6.99 -13.38 -19.00
N GLU A 683 6.98 -12.91 -17.75
CA GLU A 683 8.09 -13.08 -16.82
C GLU A 683 8.62 -14.51 -16.74
N LEU A 684 7.70 -15.47 -16.57
CA LEU A 684 8.08 -16.88 -16.52
C LEU A 684 8.94 -17.25 -17.71
N LEU A 685 8.44 -16.95 -18.91
CA LEU A 685 9.17 -17.20 -20.15
C LEU A 685 10.56 -16.59 -20.05
N ALA A 686 10.60 -15.33 -19.62
CA ALA A 686 11.88 -14.62 -19.50
C ALA A 686 12.82 -15.41 -18.61
N ILE A 687 12.33 -15.88 -17.48
CA ILE A 687 13.15 -16.66 -16.57
C ILE A 687 13.68 -17.88 -17.33
N ARG A 688 12.78 -18.60 -17.98
CA ARG A 688 13.17 -19.77 -18.77
C ARG A 688 14.14 -19.35 -19.86
N GLU A 689 13.89 -18.19 -20.45
CA GLU A 689 14.77 -17.66 -21.48
C GLU A 689 16.16 -17.52 -20.88
N ALA A 690 16.22 -16.90 -19.71
CA ALA A 690 17.50 -16.67 -19.04
C ALA A 690 18.20 -17.98 -18.71
N CYS A 691 17.44 -19.05 -18.63
CA CYS A 691 18.01 -20.36 -18.35
C CYS A 691 18.52 -21.02 -19.62
N ILE A 692 17.82 -20.80 -20.73
CA ILE A 692 18.15 -21.50 -21.97
C ILE A 692 19.22 -20.74 -22.74
N LYS A 693 19.37 -19.46 -22.44
CA LYS A 693 20.38 -18.64 -23.10
C LYS A 693 21.65 -18.58 -22.25
N LEU A 694 21.59 -19.15 -21.05
CA LEU A 694 22.77 -19.26 -20.20
C LEU A 694 23.66 -20.37 -20.71
N GLU A 695 23.12 -21.59 -20.67
CA GLU A 695 23.79 -22.73 -21.26
C GLU A 695 22.78 -23.56 -22.04
N LYS A 696 23.25 -24.63 -22.67
CA LYS A 696 22.51 -25.27 -23.75
C LYS A 696 21.28 -26.05 -23.30
N ASP A 697 21.44 -26.89 -22.30
CA ASP A 697 20.29 -27.67 -21.82
C ASP A 697 20.07 -27.50 -20.32
N TYR A 698 20.01 -26.25 -19.87
CA TYR A 698 19.83 -25.95 -18.46
C TYR A 698 18.43 -25.44 -18.16
N GLN A 699 17.61 -26.31 -17.57
CA GLN A 699 16.23 -25.96 -17.23
C GLN A 699 15.88 -26.37 -15.80
N PRO A 700 16.23 -25.52 -14.82
CA PRO A 700 15.92 -25.77 -13.41
C PRO A 700 14.44 -25.62 -13.12
N GLY A 701 13.98 -26.20 -12.02
CA GLY A 701 12.57 -26.11 -11.64
C GLY A 701 12.21 -24.76 -11.06
N ILE A 702 11.33 -24.04 -11.75
CA ILE A 702 10.93 -22.70 -11.34
C ILE A 702 9.70 -22.73 -10.45
N THR A 703 9.73 -21.96 -9.37
CA THR A 703 8.56 -21.79 -8.51
C THR A 703 8.16 -20.32 -8.46
N PHE A 704 7.12 -19.99 -9.21
CA PHE A 704 6.62 -18.61 -9.31
C PHE A 704 5.56 -18.35 -8.25
N ILE A 705 5.89 -17.47 -7.30
CA ILE A 705 5.03 -17.13 -6.17
C ILE A 705 4.81 -15.63 -6.04
N VAL A 706 3.56 -15.21 -5.90
CA VAL A 706 3.21 -13.79 -5.76
C VAL A 706 2.91 -13.43 -4.31
N VAL A 707 3.44 -12.29 -3.87
CA VAL A 707 3.25 -11.81 -2.50
C VAL A 707 2.44 -10.51 -2.48
N GLN A 708 1.42 -10.45 -1.64
CA GLN A 708 0.64 -9.23 -1.50
C GLN A 708 0.20 -8.94 -0.07
N LYS A 709 0.25 -7.66 0.30
CA LYS A 709 -0.27 -7.19 1.58
C LYS A 709 -1.48 -6.29 1.32
N ARG A 710 -1.66 -5.91 0.06
CA ARG A 710 -2.73 -5.00 -0.33
C ARG A 710 -4.09 -5.70 -0.35
N HIS A 711 -4.61 -5.99 0.84
CA HIS A 711 -5.90 -6.64 0.99
C HIS A 711 -6.45 -6.39 2.39
N HIS A 712 -7.74 -6.68 2.58
CA HIS A 712 -8.40 -6.42 3.85
C HIS A 712 -8.75 -7.71 4.62
N THR A 713 -7.92 -8.73 4.46
CA THR A 713 -8.14 -9.99 5.16
C THR A 713 -7.49 -9.95 6.53
N ARG A 714 -8.31 -9.78 7.56
CA ARG A 714 -7.81 -9.72 8.94
C ARG A 714 -8.13 -11.00 9.69
N LEU A 715 -7.16 -11.46 10.48
CA LEU A 715 -7.32 -12.68 11.28
C LEU A 715 -7.24 -12.35 12.77
N PHE A 716 -8.19 -12.88 13.53
CA PHE A 716 -8.24 -12.61 14.97
C PHE A 716 -8.16 -13.89 15.79
N CYS A 717 -7.95 -13.73 17.09
CA CYS A 717 -7.92 -14.87 18.00
C CYS A 717 -9.27 -15.09 18.67
N THR A 718 -9.81 -16.29 18.55
CA THR A 718 -11.03 -16.65 19.26
C THR A 718 -10.72 -16.80 20.74
N ASP A 719 -9.57 -17.41 21.03
CA ASP A 719 -9.10 -17.56 22.39
C ASP A 719 -8.28 -16.33 22.80
N LYS A 720 -8.75 -15.63 23.82
CA LYS A 720 -8.12 -14.38 24.24
C LYS A 720 -6.73 -14.62 24.83
N ASN A 721 -6.49 -15.85 25.26
CA ASN A 721 -5.20 -16.21 25.84
C ASN A 721 -4.09 -16.34 24.80
N GLU A 722 -4.49 -16.38 23.53
CA GLU A 722 -3.52 -16.49 22.44
C GLU A 722 -3.10 -15.11 21.93
N ARG A 723 -3.86 -14.08 22.29
CA ARG A 723 -3.58 -12.73 21.87
C ARG A 723 -2.21 -12.27 22.37
N VAL A 724 -1.37 -11.82 21.44
CA VAL A 724 0.00 -11.45 21.76
C VAL A 724 0.19 -9.94 21.82
N GLY A 725 0.67 -9.45 22.96
CA GLY A 725 1.03 -8.06 23.10
C GLY A 725 -0.13 -7.13 23.42
N LYS A 726 0.15 -5.83 23.40
CA LYS A 726 -0.84 -4.81 23.73
C LYS A 726 -1.93 -4.74 22.65
N SER A 727 -1.53 -5.01 21.41
CA SER A 727 -2.44 -4.94 20.28
C SER A 727 -3.31 -6.20 20.19
N GLY A 728 -2.89 -7.25 20.88
CA GLY A 728 -3.65 -8.49 20.93
C GLY A 728 -3.77 -9.21 19.59
N ASN A 729 -2.73 -9.11 18.77
CA ASN A 729 -2.73 -9.74 17.46
C ASN A 729 -2.38 -11.22 17.50
N ILE A 730 -2.53 -11.88 16.36
CA ILE A 730 -2.15 -13.28 16.22
C ILE A 730 -0.64 -13.44 16.35
N PRO A 731 -0.18 -14.59 16.86
CA PRO A 731 1.25 -14.83 17.00
C PRO A 731 1.97 -14.91 15.66
N ALA A 732 3.25 -14.56 15.65
CA ALA A 732 4.05 -14.64 14.43
C ALA A 732 4.20 -16.07 13.97
N GLY A 733 3.90 -16.32 12.70
CA GLY A 733 4.02 -17.65 12.13
C GLY A 733 2.66 -18.28 11.87
N THR A 734 1.60 -17.50 12.03
CA THR A 734 0.24 -18.02 11.86
C THR A 734 -0.06 -18.28 10.39
N THR A 735 -0.46 -19.50 10.07
CA THR A 735 -0.71 -19.87 8.69
C THR A 735 -2.14 -20.37 8.47
N VAL A 736 -2.78 -19.86 7.42
CA VAL A 736 -4.11 -20.33 7.04
C VAL A 736 -4.15 -20.72 5.57
N ASP A 737 -4.58 -21.94 5.28
CA ASP A 737 -4.64 -22.43 3.91
C ASP A 737 -5.96 -23.13 3.61
N THR A 738 -6.96 -22.89 4.46
CA THR A 738 -8.28 -23.50 4.28
C THR A 738 -9.41 -22.48 4.44
N LYS A 739 -10.63 -22.93 4.15
CA LYS A 739 -11.86 -22.15 4.39
C LYS A 739 -11.95 -20.85 3.60
N ILE A 740 -10.99 -19.95 3.81
CA ILE A 740 -11.08 -18.61 3.22
C ILE A 740 -10.15 -18.42 2.01
N THR A 741 -9.54 -19.51 1.55
CA THR A 741 -8.59 -19.45 0.45
C THR A 741 -9.23 -19.81 -0.90
N HIS A 742 -8.40 -19.85 -1.94
CA HIS A 742 -8.86 -20.17 -3.30
C HIS A 742 -9.39 -21.60 -3.39
N PRO A 743 -10.47 -21.81 -4.17
CA PRO A 743 -11.09 -23.14 -4.29
C PRO A 743 -10.26 -24.16 -5.05
N THR A 744 -9.34 -23.72 -5.91
CA THR A 744 -8.56 -24.65 -6.71
C THR A 744 -7.06 -24.43 -6.64
N GLU A 745 -6.62 -23.20 -6.85
CA GLU A 745 -5.20 -22.92 -7.00
C GLU A 745 -4.42 -22.89 -5.68
N PHE A 746 -3.11 -22.92 -5.80
CA PHE A 746 -2.19 -23.03 -4.66
C PHE A 746 -1.90 -21.66 -4.04
N ASP A 747 -2.47 -21.40 -2.87
CA ASP A 747 -2.22 -20.15 -2.16
C ASP A 747 -2.46 -20.31 -0.65
N PHE A 748 -1.93 -19.37 0.12
CA PHE A 748 -2.11 -19.39 1.57
C PHE A 748 -1.80 -18.04 2.21
N TYR A 749 -2.44 -17.79 3.36
CA TYR A 749 -2.14 -16.62 4.18
C TYR A 749 -1.09 -16.96 5.22
N LEU A 750 -0.13 -16.08 5.40
CA LEU A 750 0.89 -16.24 6.42
C LEU A 750 1.21 -14.92 7.10
N CYS A 751 1.01 -14.90 8.42
CA CYS A 751 1.45 -13.77 9.23
C CYS A 751 2.70 -14.20 9.97
N SER A 752 3.85 -13.69 9.51
CA SER A 752 5.15 -14.14 9.98
C SER A 752 5.80 -13.15 10.92
N HIS A 753 5.12 -12.04 11.17
CA HIS A 753 5.67 -10.97 12.00
C HIS A 753 4.86 -10.75 13.26
N ALA A 754 5.52 -10.21 14.29
CA ALA A 754 4.83 -9.81 15.51
C ALA A 754 4.19 -8.44 15.30
N GLY A 755 2.90 -8.35 15.59
CA GLY A 755 2.18 -7.10 15.47
C GLY A 755 2.40 -6.24 16.70
N ILE A 756 3.01 -5.08 16.51
CA ILE A 756 3.28 -4.17 17.62
C ILE A 756 2.07 -3.30 17.91
N GLN A 757 1.60 -2.58 16.89
CA GLN A 757 0.44 -1.72 17.04
C GLN A 757 -0.65 -2.11 16.05
N GLY A 758 -1.90 -1.80 16.38
CA GLY A 758 -3.02 -2.03 15.50
C GLY A 758 -3.28 -3.49 15.18
N THR A 759 -3.84 -3.74 14.00
CA THR A 759 -4.13 -5.10 13.57
C THR A 759 -3.13 -5.56 12.51
N SER A 760 -2.63 -6.78 12.67
CA SER A 760 -1.63 -7.32 11.74
C SER A 760 -2.20 -7.52 10.34
N ARG A 761 -1.35 -7.28 9.35
CA ARG A 761 -1.70 -7.53 7.96
C ARG A 761 -1.01 -8.79 7.45
N PRO A 762 -1.68 -9.94 7.53
CA PRO A 762 -1.08 -11.22 7.13
C PRO A 762 -0.81 -11.27 5.63
N SER A 763 0.44 -11.54 5.26
CA SER A 763 0.82 -11.54 3.85
C SER A 763 0.16 -12.70 3.11
N HIS A 764 -0.37 -12.41 1.93
CA HIS A 764 -0.99 -13.45 1.11
C HIS A 764 -0.02 -13.94 0.04
N TYR A 765 0.11 -15.25 -0.08
CA TYR A 765 1.03 -15.83 -1.05
C TYR A 765 0.29 -16.70 -2.05
N HIS A 766 0.51 -16.44 -3.34
CA HIS A 766 -0.17 -17.18 -4.39
C HIS A 766 0.84 -17.82 -5.33
N VAL A 767 0.79 -19.14 -5.44
CA VAL A 767 1.73 -19.87 -6.29
C VAL A 767 1.23 -19.93 -7.73
N LEU A 768 1.91 -19.20 -8.62
CA LEU A 768 1.51 -19.16 -10.02
C LEU A 768 2.17 -20.26 -10.82
N TRP A 769 3.31 -20.77 -10.34
CA TRP A 769 3.96 -21.88 -11.04
C TRP A 769 4.82 -22.72 -10.09
N ASP A 770 4.99 -23.99 -10.42
CA ASP A 770 5.77 -24.88 -9.56
C ASP A 770 6.24 -26.13 -10.31
N ASP A 771 7.47 -26.09 -10.80
CA ASP A 771 8.07 -27.24 -11.47
C ASP A 771 8.66 -28.20 -10.43
N ASN A 772 8.98 -27.66 -9.25
CA ASN A 772 9.59 -28.44 -8.19
C ASN A 772 8.57 -29.26 -7.41
N ARG A 773 7.29 -28.98 -7.66
CA ARG A 773 6.18 -29.69 -7.01
C ARG A 773 6.28 -29.67 -5.48
N PHE A 774 6.30 -28.46 -4.93
CA PHE A 774 6.35 -28.28 -3.48
C PHE A 774 5.08 -28.78 -2.81
N SER A 775 5.24 -29.32 -1.61
CA SER A 775 4.10 -29.58 -0.74
C SER A 775 3.76 -28.28 -0.04
N SER A 776 2.54 -28.18 0.50
CA SER A 776 2.10 -26.97 1.17
C SER A 776 3.00 -26.63 2.36
N ASP A 777 3.23 -27.62 3.21
CA ASP A 777 4.03 -27.42 4.41
C ASP A 777 5.45 -26.95 4.09
N GLU A 778 6.08 -27.62 3.14
CA GLU A 778 7.46 -27.30 2.79
C GLU A 778 7.59 -25.85 2.29
N LEU A 779 6.62 -25.41 1.51
CA LEU A 779 6.66 -24.07 0.93
C LEU A 779 6.32 -23.00 1.96
N GLN A 780 5.33 -23.29 2.80
CA GLN A 780 4.95 -22.38 3.88
C GLN A 780 6.11 -22.19 4.85
N ILE A 781 6.74 -23.29 5.21
CA ILE A 781 7.89 -23.27 6.11
C ILE A 781 9.06 -22.55 5.47
N LEU A 782 9.32 -22.84 4.19
CA LEU A 782 10.39 -22.16 3.47
C LEU A 782 10.17 -20.65 3.47
N THR A 783 8.95 -20.23 3.18
CA THR A 783 8.59 -18.81 3.19
C THR A 783 8.84 -18.21 4.57
N TYR A 784 8.34 -18.90 5.60
CA TYR A 784 8.48 -18.44 6.98
C TYR A 784 9.94 -18.24 7.36
N GLN A 785 10.78 -19.20 7.00
CA GLN A 785 12.20 -19.15 7.32
C GLN A 785 12.91 -18.08 6.51
N LEU A 786 12.41 -17.80 5.31
CA LEU A 786 12.96 -16.73 4.49
C LEU A 786 12.59 -15.38 5.09
N CYS A 787 11.50 -15.34 5.85
CA CYS A 787 11.14 -14.12 6.57
C CYS A 787 12.09 -13.84 7.73
N HIS A 788 12.90 -14.83 8.07
CA HIS A 788 13.85 -14.70 9.18
C HIS A 788 15.27 -14.35 8.71
N THR A 789 15.45 -14.19 7.41
CA THR A 789 16.78 -13.92 6.86
C THR A 789 16.96 -12.44 6.49
N TYR A 790 16.08 -11.60 7.03
CA TYR A 790 16.15 -10.16 6.79
C TYR A 790 17.21 -9.53 7.70
N VAL A 791 18.24 -8.95 7.09
CA VAL A 791 19.43 -8.55 7.82
C VAL A 791 19.32 -7.24 8.60
N ARG A 792 18.35 -6.40 8.25
CA ARG A 792 18.29 -5.06 8.85
C ARG A 792 17.76 -5.05 10.27
N CYS A 793 17.25 -6.20 10.74
CA CYS A 793 16.78 -6.27 12.11
C CYS A 793 16.86 -7.67 12.71
N THR A 794 16.53 -7.76 14.00
CA THR A 794 16.59 -9.01 14.74
C THR A 794 15.20 -9.62 14.85
N ARG A 795 14.42 -9.49 13.77
CA ARG A 795 13.03 -9.89 13.77
C ARG A 795 12.68 -10.69 12.51
N SER A 796 11.50 -11.31 12.53
CA SER A 796 10.93 -11.91 11.33
C SER A 796 9.94 -10.93 10.72
N VAL A 797 10.18 -10.52 9.47
CA VAL A 797 9.39 -9.47 8.85
C VAL A 797 8.13 -10.02 8.15
N SER A 798 7.31 -9.11 7.64
CA SER A 798 5.98 -9.45 7.12
C SER A 798 6.02 -10.19 5.78
N ILE A 799 7.11 -10.01 5.03
CA ILE A 799 7.27 -10.68 3.74
C ILE A 799 8.67 -11.26 3.66
N PRO A 800 8.89 -12.26 2.79
CA PRO A 800 10.23 -12.86 2.67
C PRO A 800 11.31 -11.83 2.31
N ALA A 801 12.53 -12.09 2.76
CA ALA A 801 13.65 -11.19 2.56
C ALA A 801 13.92 -10.78 1.10
N PRO A 802 13.83 -11.71 0.13
CA PRO A 802 14.06 -11.27 -1.25
C PRO A 802 13.13 -10.17 -1.73
N ALA A 803 11.83 -10.34 -1.52
CA ALA A 803 10.84 -9.35 -1.93
C ALA A 803 11.11 -8.00 -1.26
N TYR A 804 11.44 -8.06 0.03
CA TYR A 804 11.72 -6.86 0.83
C TYR A 804 12.94 -6.13 0.27
N TYR A 805 14.00 -6.88 0.00
CA TYR A 805 15.21 -6.35 -0.61
C TYR A 805 14.90 -5.69 -1.95
N ALA A 806 14.09 -6.37 -2.77
CA ALA A 806 13.67 -5.82 -4.05
C ALA A 806 13.01 -4.47 -3.85
N HIS A 807 12.12 -4.39 -2.86
CA HIS A 807 11.48 -3.13 -2.52
C HIS A 807 12.50 -2.06 -2.16
N LEU A 808 13.48 -2.42 -1.35
CA LEU A 808 14.52 -1.49 -0.92
C LEU A 808 15.32 -0.94 -2.10
N VAL A 809 15.75 -1.84 -2.99
CA VAL A 809 16.52 -1.45 -4.17
C VAL A 809 15.71 -0.52 -5.06
N ALA A 810 14.46 -0.92 -5.30
CA ALA A 810 13.54 -0.10 -6.07
C ALA A 810 13.44 1.31 -5.48
N PHE A 811 13.20 1.39 -4.17
CA PHE A 811 13.08 2.69 -3.51
C PHE A 811 14.37 3.49 -3.61
N ARG A 812 15.50 2.79 -3.64
CA ARG A 812 16.81 3.44 -3.74
C ARG A 812 17.01 4.06 -5.12
N ALA A 813 16.51 3.38 -6.14
CA ALA A 813 16.59 3.88 -7.51
C ALA A 813 15.96 5.27 -7.64
N ARG A 814 14.88 5.49 -6.89
CA ARG A 814 14.22 6.80 -6.84
C ARG A 814 15.20 7.89 -6.42
N TYR A 815 15.95 7.62 -5.36
CA TYR A 815 16.97 8.55 -4.89
C TYR A 815 18.07 8.71 -5.94
N HIS A 816 18.39 7.62 -6.63
CA HIS A 816 19.41 7.65 -7.67
C HIS A 816 19.00 8.51 -8.85
N LEU A 817 17.70 8.71 -9.04
CA LEU A 817 17.19 9.43 -10.20
C LEU A 817 17.13 10.95 -10.03
N VAL A 818 17.02 11.42 -8.79
CA VAL A 818 16.84 12.86 -8.54
C VAL A 818 18.04 13.69 -8.95
N ASP A 819 17.86 15.01 -8.98
CA ASP A 819 18.94 15.95 -9.31
C ASP A 819 19.30 16.84 -8.13
N ASP A 838 16.37 10.27 -24.08
CA ASP A 838 16.38 10.58 -22.66
C ASP A 838 16.08 9.34 -21.82
N HIS A 839 15.51 8.32 -22.46
CA HIS A 839 15.18 7.07 -21.77
C HIS A 839 16.45 6.34 -21.34
N GLN A 840 17.26 5.93 -22.31
CA GLN A 840 18.51 5.22 -22.05
C GLN A 840 19.57 6.16 -21.48
N ALA A 841 19.28 7.46 -21.49
CA ALA A 841 20.21 8.47 -21.00
C ALA A 841 20.48 8.27 -19.51
N LEU A 842 19.47 8.53 -18.68
CA LEU A 842 19.62 8.34 -17.25
C LEU A 842 18.99 7.03 -16.80
N ALA A 843 18.99 6.05 -17.69
CA ALA A 843 18.79 4.66 -17.29
C ALA A 843 20.12 4.16 -16.77
N LYS A 844 21.15 4.96 -17.02
CA LYS A 844 22.49 4.76 -16.48
C LYS A 844 22.54 5.25 -15.04
N ALA A 845 21.57 6.07 -14.68
CA ALA A 845 21.51 6.66 -13.35
C ALA A 845 21.19 5.64 -12.28
N VAL A 846 20.48 4.57 -12.67
CA VAL A 846 20.08 3.54 -11.72
C VAL A 846 21.10 2.40 -11.67
N GLN A 847 22.09 2.44 -12.56
CA GLN A 847 23.13 1.41 -12.57
C GLN A 847 24.23 1.75 -11.59
N VAL A 848 24.57 0.81 -10.73
CA VAL A 848 25.57 1.04 -9.69
C VAL A 848 27.00 0.80 -10.20
N HIS A 849 27.97 1.15 -9.36
CA HIS A 849 29.38 1.04 -9.70
C HIS A 849 29.84 -0.42 -9.69
N GLN A 850 30.96 -0.70 -10.37
CA GLN A 850 31.51 -2.05 -10.44
C GLN A 850 31.86 -2.62 -9.07
N ASP A 851 32.24 -1.73 -8.14
CA ASP A 851 32.58 -2.16 -6.79
C ASP A 851 31.35 -2.15 -5.88
N THR A 852 30.18 -1.92 -6.48
CA THR A 852 28.93 -1.84 -5.73
C THR A 852 27.98 -2.97 -6.16
N LEU A 853 28.14 -3.42 -7.40
CA LEU A 853 27.29 -4.44 -8.00
C LEU A 853 27.00 -5.62 -7.06
N ARG A 854 28.05 -6.26 -6.58
CA ARG A 854 27.90 -7.48 -5.77
C ARG A 854 27.64 -7.18 -4.30
N THR A 855 27.69 -5.90 -3.93
CA THR A 855 27.48 -5.52 -2.54
C THR A 855 25.99 -5.43 -2.21
N MET A 856 25.67 -5.46 -0.93
CA MET A 856 24.31 -5.23 -0.46
C MET A 856 24.16 -3.76 -0.10
N TYR A 857 24.45 -2.91 -1.07
CA TYR A 857 24.46 -1.45 -0.89
C TYR A 857 23.10 -0.91 -0.46
N PHE A 858 22.04 -1.65 -0.77
CA PHE A 858 20.68 -1.19 -0.52
C PHE A 858 20.28 -1.30 0.96
N ALA A 859 21.17 -0.86 1.84
CA ALA A 859 20.98 -0.92 3.28
C ALA A 859 20.79 -2.34 3.78
#